data_3VK9
#
_entry.id   3VK9
#
_cell.length_a   128.393
_cell.length_b   162.184
_cell.length_c   86.791
_cell.angle_alpha   90.00
_cell.angle_beta   90.00
_cell.angle_gamma   90.00
#
_symmetry.space_group_name_H-M   'C 2 2 21'
#
loop_
_entity.id
_entity.type
_entity.pdbx_description
1 polymer 'Glutathione S-transferase delta'
2 non-polymer GLYCEROL
3 water water
#
_entity_poly.entity_id   1
_entity_poly.type   'polypeptide(L)'
_entity_poly.pdbx_seq_one_letter_code
;MTIDLYYVPGSAPCRAVLLTAKALNLNLNLKLVDLHHGEQLKPEYLKLNPQHTVPTLVDDGLSIWESRAIITYLVNKYAK
GSSLYPEDPKARALVDQRLYFDIGTLYQRFSDYFYPQVFAGAPADKAKNEKVQEALQLLDKFLEGQKYVAGPNLTVADLS
LIASVSSLEASDIDFKKYANVKRWYETVKSTAPGYQEANEKGLEAFKGLVNSMLKK
;
_entity_poly.pdbx_strand_id   A,B,C,D
#
# COMPACT_ATOMS: atom_id res chain seq x y z
N MET A 1 -7.79 -3.56 54.03
CA MET A 1 -8.82 -2.56 54.29
C MET A 1 -9.50 -2.12 53.01
N THR A 2 -8.69 -1.74 52.02
CA THR A 2 -9.23 -1.18 50.79
C THR A 2 -9.43 -2.22 49.68
N ILE A 3 -10.32 -1.87 48.79
CA ILE A 3 -10.75 -2.75 47.73
CA ILE A 3 -10.74 -2.75 47.72
C ILE A 3 -10.35 -2.14 46.37
N ASP A 4 -9.71 -2.95 45.53
CA ASP A 4 -9.23 -2.48 44.23
C ASP A 4 -10.19 -2.78 43.09
N LEU A 5 -10.33 -1.83 42.16
CA LEU A 5 -11.05 -2.07 40.92
C LEU A 5 -10.15 -1.76 39.73
N TYR A 6 -9.77 -2.80 39.00
CA TYR A 6 -9.10 -2.65 37.71
C TYR A 6 -10.13 -2.39 36.61
N TYR A 7 -9.93 -1.31 35.85
CA TYR A 7 -10.92 -0.85 34.88
C TYR A 7 -10.29 0.02 33.77
N VAL A 8 -11.10 0.29 32.74
CA VAL A 8 -10.88 1.42 31.84
C VAL A 8 -12.23 2.13 31.77
N PRO A 9 -12.21 3.46 31.64
CA PRO A 9 -13.46 4.24 31.69
C PRO A 9 -14.40 4.00 30.51
N GLY A 10 -13.89 3.61 29.34
CA GLY A 10 -14.73 3.47 28.16
C GLY A 10 -15.62 2.25 28.21
N SER A 11 -15.23 1.28 29.03
CA SER A 11 -15.84 -0.03 29.04
C SER A 11 -17.17 -0.02 29.77
N ALA A 12 -18.23 -0.43 29.08
CA ALA A 12 -19.58 -0.43 29.67
C ALA A 12 -19.64 -1.26 30.96
N PRO A 13 -19.10 -2.49 30.95
CA PRO A 13 -19.19 -3.21 32.23
C PRO A 13 -18.45 -2.49 33.35
N CYS A 14 -17.36 -1.79 33.03
CA CYS A 14 -16.66 -1.01 34.04
C CYS A 14 -17.54 0.11 34.56
N ARG A 15 -18.22 0.80 33.65
CA ARG A 15 -19.11 1.90 34.02
C ARG A 15 -20.28 1.42 34.89
N ALA A 16 -20.72 0.18 34.68
CA ALA A 16 -21.77 -0.40 35.52
C ALA A 16 -21.30 -0.40 36.98
N VAL A 17 -20.05 -0.79 37.17
CA VAL A 17 -19.50 -0.83 38.52
C VAL A 17 -19.24 0.58 39.07
N LEU A 18 -18.74 1.49 38.25
CA LEU A 18 -18.54 2.86 38.72
C LEU A 18 -19.87 3.45 39.18
N LEU A 19 -20.93 3.23 38.39
CA LEU A 19 -22.27 3.66 38.79
C LEU A 19 -22.74 3.08 40.13
N THR A 20 -22.54 1.78 40.31
CA THR A 20 -22.99 1.09 41.52
C THR A 20 -22.21 1.62 42.71
N ALA A 21 -20.92 1.89 42.52
CA ALA A 21 -20.10 2.43 43.59
C ALA A 21 -20.58 3.82 44.00
N LYS A 22 -20.92 4.65 43.02
CA LYS A 22 -21.45 5.98 43.30
CA LYS A 22 -21.45 5.98 43.31
C LYS A 22 -22.78 5.88 44.03
N ALA A 23 -23.66 4.99 43.57
CA ALA A 23 -24.95 4.81 44.22
C ALA A 23 -24.85 4.33 45.68
N LEU A 24 -23.82 3.57 46.00
CA LEU A 24 -23.58 3.12 47.37
C LEU A 24 -22.66 4.09 48.15
N ASN A 25 -22.15 5.10 47.46
CA ASN A 25 -21.14 6.01 48.01
C ASN A 25 -19.93 5.26 48.59
N LEU A 26 -19.41 4.30 47.84
CA LEU A 26 -18.18 3.58 48.20
C LEU A 26 -16.93 4.29 47.72
N ASN A 27 -15.81 4.01 48.37
CA ASN A 27 -14.52 4.47 47.89
C ASN A 27 -13.64 3.31 47.45
N LEU A 28 -13.76 2.94 46.18
CA LEU A 28 -12.89 1.93 45.59
C LEU A 28 -11.56 2.52 45.17
N ASN A 29 -10.50 1.72 45.28
CA ASN A 29 -9.22 2.14 44.76
C ASN A 29 -9.18 1.84 43.27
N LEU A 30 -9.33 2.87 42.46
CA LEU A 30 -9.42 2.66 41.01
C LEU A 30 -8.05 2.47 40.43
N LYS A 31 -7.89 1.41 39.65
CA LYS A 31 -6.60 1.11 39.03
C LYS A 31 -6.76 0.98 37.52
N LEU A 32 -6.36 2.03 36.81
CA LEU A 32 -6.52 2.07 35.37
C LEU A 32 -5.69 0.96 34.75
N VAL A 33 -6.27 0.15 33.86
CA VAL A 33 -5.45 -0.80 33.13
C VAL A 33 -5.20 -0.41 31.66
N ASP A 34 -3.95 -0.58 31.24
CA ASP A 34 -3.54 -0.25 29.88
C ASP A 34 -3.95 -1.36 28.90
N LEU A 35 -5.25 -1.48 28.65
CA LEU A 35 -5.75 -2.51 27.73
C LEU A 35 -5.17 -2.29 26.34
N HIS A 36 -5.09 -1.03 25.94
CA HIS A 36 -4.64 -0.63 24.61
C HIS A 36 -3.29 -1.24 24.24
N HIS A 37 -2.45 -1.46 25.26
CA HIS A 37 -1.13 -2.04 25.05
C HIS A 37 -0.99 -3.38 25.79
N GLY A 38 -2.12 -4.04 26.06
CA GLY A 38 -2.11 -5.43 26.50
C GLY A 38 -1.57 -5.69 27.89
N GLU A 39 -1.70 -4.71 28.78
CA GLU A 39 -1.30 -4.90 30.18
C GLU A 39 -2.07 -6.09 30.79
N GLN A 40 -3.31 -6.28 30.33
CA GLN A 40 -4.16 -7.35 30.87
C GLN A 40 -3.67 -8.74 30.50
N LEU A 41 -2.71 -8.82 29.57
CA LEU A 41 -2.25 -10.12 29.09
C LEU A 41 -0.99 -10.57 29.82
N LYS A 42 -0.42 -9.71 30.66
CA LYS A 42 0.81 -10.05 31.36
C LYS A 42 0.49 -10.94 32.55
N PRO A 43 1.45 -11.76 33.00
CA PRO A 43 1.22 -12.74 34.08
C PRO A 43 0.64 -12.13 35.36
N GLU A 44 1.14 -10.98 35.78
CA GLU A 44 0.62 -10.34 36.99
C GLU A 44 -0.89 -10.08 36.92
N TYR A 45 -1.38 -9.68 35.74
CA TYR A 45 -2.82 -9.49 35.59
C TYR A 45 -3.58 -10.81 35.45
N LEU A 46 -3.00 -11.75 34.70
CA LEU A 46 -3.63 -13.07 34.57
C LEU A 46 -3.79 -13.74 35.92
N LYS A 47 -2.80 -13.56 36.80
CA LYS A 47 -2.91 -14.02 38.18
C LYS A 47 -4.24 -13.59 38.81
N LEU A 48 -4.60 -12.32 38.62
CA LEU A 48 -5.81 -11.76 39.19
C LEU A 48 -7.04 -12.21 38.40
N ASN A 49 -6.88 -12.26 37.08
CA ASN A 49 -7.99 -12.55 36.20
C ASN A 49 -7.49 -13.27 34.95
N PRO A 50 -7.57 -14.60 34.94
CA PRO A 50 -7.10 -15.40 33.80
C PRO A 50 -7.91 -15.13 32.53
N GLN A 51 -9.07 -14.52 32.65
CA GLN A 51 -9.86 -14.18 31.46
C GLN A 51 -9.40 -12.85 30.89
N HIS A 52 -8.43 -12.22 31.55
CA HIS A 52 -7.84 -10.96 31.10
C HIS A 52 -8.83 -9.93 30.58
N THR A 53 -9.87 -9.66 31.38
CA THR A 53 -10.87 -8.65 31.06
C THR A 53 -10.91 -7.57 32.14
N VAL A 54 -11.64 -6.50 31.85
CA VAL A 54 -12.02 -5.53 32.88
C VAL A 54 -13.53 -5.47 32.91
N PRO A 55 -14.10 -5.11 34.08
CA PRO A 55 -13.36 -4.77 35.29
C PRO A 55 -12.91 -6.00 36.06
N THR A 56 -11.92 -5.83 36.93
CA THR A 56 -11.64 -6.87 37.92
C THR A 56 -11.61 -6.24 39.30
N LEU A 57 -12.48 -6.75 40.17
CA LEU A 57 -12.61 -6.28 41.54
C LEU A 57 -11.71 -7.17 42.41
N VAL A 58 -10.81 -6.59 43.21
CA VAL A 58 -9.96 -7.40 44.09
C VAL A 58 -10.15 -6.99 45.54
N ASP A 59 -10.71 -7.93 46.32
CA ASP A 59 -11.11 -7.64 47.68
C ASP A 59 -10.40 -8.66 48.59
N ASP A 60 -9.19 -8.31 49.00
CA ASP A 60 -8.29 -9.24 49.67
C ASP A 60 -8.09 -10.50 48.84
N GLY A 61 -8.52 -11.63 49.38
CA GLY A 61 -8.35 -12.91 48.69
C GLY A 61 -9.28 -13.13 47.52
N LEU A 62 -10.29 -12.26 47.36
CA LEU A 62 -11.29 -12.47 46.32
C LEU A 62 -11.07 -11.59 45.08
N SER A 63 -10.94 -12.26 43.95
CA SER A 63 -10.92 -11.57 42.67
C SER A 63 -12.16 -12.00 41.90
N ILE A 64 -12.99 -11.04 41.48
CA ILE A 64 -14.11 -11.35 40.58
C ILE A 64 -14.23 -10.32 39.47
N TRP A 65 -14.56 -10.78 38.26
CA TRP A 65 -14.48 -9.91 37.11
C TRP A 65 -15.73 -9.74 36.23
N GLU A 66 -16.79 -10.47 36.52
CA GLU A 66 -18.03 -10.23 35.81
C GLU A 66 -18.71 -9.01 36.47
N SER A 67 -18.84 -7.93 35.70
CA SER A 67 -19.40 -6.70 36.21
C SER A 67 -20.69 -6.99 36.96
N ARG A 68 -21.51 -7.87 36.40
CA ARG A 68 -22.83 -8.14 36.97
C ARG A 68 -22.81 -8.93 38.28
N ALA A 69 -21.74 -9.68 38.51
CA ALA A 69 -21.50 -10.27 39.83
C ALA A 69 -20.88 -9.25 40.82
N ILE A 70 -20.06 -8.33 40.31
CA ILE A 70 -19.43 -7.32 41.16
C ILE A 70 -20.47 -6.36 41.75
N ILE A 71 -21.40 -5.90 40.90
CA ILE A 71 -22.36 -4.91 41.37
C ILE A 71 -23.31 -5.49 42.41
N THR A 72 -23.71 -6.75 42.25
CA THR A 72 -24.56 -7.35 43.26
C THR A 72 -23.72 -7.65 44.51
N TYR A 73 -22.46 -8.03 44.32
CA TYR A 73 -21.55 -8.24 45.46
C TYR A 73 -21.37 -6.97 46.34
N LEU A 74 -21.21 -5.82 45.70
CA LEU A 74 -21.06 -4.55 46.42
C LEU A 74 -22.26 -4.23 47.32
N VAL A 75 -23.47 -4.49 46.81
CA VAL A 75 -24.66 -4.31 47.60
C VAL A 75 -24.76 -5.35 48.71
N ASN A 76 -24.54 -6.63 48.37
CA ASN A 76 -24.66 -7.73 49.34
C ASN A 76 -23.69 -7.52 50.50
N LYS A 77 -22.52 -7.01 50.17
CA LYS A 77 -21.47 -6.76 51.15
C LYS A 77 -21.77 -5.55 52.01
N TYR A 78 -21.99 -4.39 51.37
CA TYR A 78 -21.96 -3.10 52.08
C TYR A 78 -23.35 -2.56 52.45
N ALA A 79 -24.39 -2.98 51.75
CA ALA A 79 -25.73 -2.42 51.96
C ALA A 79 -26.84 -3.45 51.83
N LYS A 80 -26.66 -4.58 52.52
CA LYS A 80 -27.66 -5.64 52.55
CA LYS A 80 -27.65 -5.64 52.56
C LYS A 80 -29.02 -5.02 52.88
N GLY A 81 -30.01 -5.27 52.02
CA GLY A 81 -31.33 -4.71 52.20
C GLY A 81 -31.61 -3.42 51.43
N SER A 82 -30.63 -2.97 50.63
CA SER A 82 -30.77 -1.76 49.84
C SER A 82 -31.79 -1.95 48.72
N SER A 83 -32.58 -0.92 48.43
CA SER A 83 -33.50 -0.92 47.30
C SER A 83 -32.76 -1.13 45.97
N LEU A 84 -31.45 -0.88 45.96
CA LEU A 84 -30.67 -1.13 44.75
C LEU A 84 -30.58 -2.61 44.41
N TYR A 85 -30.79 -3.49 45.39
CA TYR A 85 -30.78 -4.94 45.14
C TYR A 85 -31.60 -5.61 46.22
N PRO A 86 -32.94 -5.44 46.15
CA PRO A 86 -33.83 -5.85 47.24
C PRO A 86 -33.73 -7.35 47.54
N GLU A 87 -33.83 -7.71 48.82
CA GLU A 87 -33.76 -9.11 49.26
C GLU A 87 -35.03 -9.93 48.99
N ASP A 88 -36.18 -9.28 48.88
CA ASP A 88 -37.38 -10.02 48.56
C ASP A 88 -37.12 -10.85 47.31
N PRO A 89 -37.36 -12.16 47.39
CA PRO A 89 -37.08 -13.07 46.26
C PRO A 89 -37.72 -12.64 44.93
N LYS A 90 -39.02 -12.38 44.89
CA LYS A 90 -39.64 -11.94 43.65
C LYS A 90 -39.00 -10.66 43.14
N ALA A 91 -38.83 -9.69 44.03
CA ALA A 91 -38.19 -8.43 43.64
C ALA A 91 -36.76 -8.66 43.16
N ARG A 92 -36.02 -9.54 43.83
CA ARG A 92 -34.64 -9.78 43.43
C ARG A 92 -34.56 -10.53 42.10
N ALA A 93 -35.45 -11.49 41.91
CA ALA A 93 -35.49 -12.27 40.68
C ALA A 93 -35.69 -11.36 39.46
N LEU A 94 -36.50 -10.31 39.61
CA LEU A 94 -36.70 -9.39 38.49
C LEU A 94 -35.42 -8.64 38.13
N VAL A 95 -34.68 -8.21 39.16
CA VAL A 95 -33.40 -7.55 38.94
C VAL A 95 -32.43 -8.52 38.27
N ASP A 96 -32.27 -9.69 38.84
CA ASP A 96 -31.42 -10.72 38.23
C ASP A 96 -31.84 -11.00 36.76
N GLN A 97 -33.13 -11.18 36.52
CA GLN A 97 -33.60 -11.40 35.15
C GLN A 97 -33.09 -10.31 34.22
N ARG A 98 -33.23 -9.06 34.65
CA ARG A 98 -32.82 -7.94 33.79
C ARG A 98 -31.31 -7.96 33.58
N LEU A 99 -30.55 -8.38 34.60
CA LEU A 99 -29.10 -8.49 34.45
C LEU A 99 -28.71 -9.53 33.40
N TYR A 100 -29.38 -10.68 33.40
CA TYR A 100 -29.13 -11.71 32.39
C TYR A 100 -29.59 -11.30 31.00
N PHE A 101 -30.68 -10.55 30.94
CA PHE A 101 -31.12 -9.92 29.68
C PHE A 101 -30.02 -9.00 29.14
N ASP A 102 -29.46 -8.19 30.02
CA ASP A 102 -28.38 -7.28 29.67
C ASP A 102 -27.17 -8.03 29.05
N ILE A 103 -26.57 -8.97 29.77
CA ILE A 103 -25.38 -9.65 29.24
C ILE A 103 -25.67 -10.56 28.03
N GLY A 104 -26.73 -11.37 28.12
CA GLY A 104 -26.98 -12.41 27.13
C GLY A 104 -27.74 -11.96 25.90
N THR A 105 -28.44 -10.83 26.01
CA THR A 105 -29.27 -10.39 24.92
C THR A 105 -28.90 -8.98 24.43
N LEU A 106 -29.13 -7.96 25.24
CA LEU A 106 -28.94 -6.60 24.78
CA LEU A 106 -28.95 -6.60 24.77
C LEU A 106 -27.50 -6.30 24.44
N TYR A 107 -26.62 -6.47 25.41
CA TYR A 107 -25.23 -6.11 25.15
C TYR A 107 -24.56 -7.11 24.21
N GLN A 108 -24.96 -8.37 24.28
CA GLN A 108 -24.41 -9.36 23.38
C GLN A 108 -24.75 -9.01 21.93
N ARG A 109 -26.00 -8.63 21.69
CA ARG A 109 -26.42 -8.32 20.34
C ARG A 109 -25.74 -7.08 19.85
N PHE A 110 -25.61 -6.09 20.73
CA PHE A 110 -24.92 -4.86 20.39
C PHE A 110 -23.47 -5.13 20.06
N SER A 111 -22.80 -5.85 20.94
CA SER A 111 -21.43 -6.30 20.71
C SER A 111 -21.30 -6.97 19.34
N ASP A 112 -22.20 -7.93 19.06
CA ASP A 112 -22.12 -8.69 17.79
C ASP A 112 -22.26 -7.80 16.58
N TYR A 113 -23.09 -6.77 16.72
CA TYR A 113 -23.38 -5.85 15.63
C TYR A 113 -22.26 -4.85 15.41
N PHE A 114 -21.77 -4.28 16.53
CA PHE A 114 -20.92 -3.10 16.50
C PHE A 114 -19.40 -3.35 16.44
N TYR A 115 -18.90 -4.29 17.23
CA TYR A 115 -17.45 -4.44 17.38
C TYR A 115 -16.73 -5.02 16.16
N PRO A 116 -17.42 -5.86 15.38
CA PRO A 116 -16.84 -6.21 14.07
C PRO A 116 -16.61 -4.96 13.20
N GLN A 117 -17.51 -3.98 13.27
CA GLN A 117 -17.34 -2.77 12.46
C GLN A 117 -16.19 -1.91 12.97
N VAL A 118 -16.03 -1.84 14.28
CA VAL A 118 -15.04 -0.97 14.89
C VAL A 118 -13.63 -1.57 14.85
N PHE A 119 -13.52 -2.87 15.13
CA PHE A 119 -12.21 -3.50 15.28
C PHE A 119 -11.82 -4.45 14.16
N ALA A 120 -12.71 -4.66 13.20
CA ALA A 120 -12.40 -5.52 12.05
C ALA A 120 -12.89 -4.92 10.74
N GLY A 121 -13.09 -3.60 10.74
CA GLY A 121 -13.62 -2.92 9.56
C GLY A 121 -14.73 -3.64 8.81
N ALA A 122 -15.56 -4.39 9.54
CA ALA A 122 -16.67 -5.09 8.93
C ALA A 122 -17.75 -4.10 8.52
N PRO A 123 -18.56 -4.46 7.52
CA PRO A 123 -19.70 -3.60 7.17
C PRO A 123 -20.85 -3.80 8.16
N ALA A 124 -21.75 -2.84 8.24
CA ALA A 124 -22.88 -2.94 9.17
C ALA A 124 -23.88 -3.96 8.62
N ASP A 125 -24.16 -4.98 9.43
CA ASP A 125 -24.99 -6.10 9.01
C ASP A 125 -26.43 -5.80 9.38
N LYS A 126 -27.29 -5.80 8.39
CA LYS A 126 -28.70 -5.47 8.59
C LYS A 126 -29.36 -6.43 9.55
N ALA A 127 -29.08 -7.71 9.38
CA ALA A 127 -29.67 -8.71 10.26
C ALA A 127 -29.22 -8.53 11.72
N LYS A 128 -27.92 -8.34 11.94
CA LYS A 128 -27.44 -8.07 13.29
C LYS A 128 -28.03 -6.76 13.83
N ASN A 129 -28.23 -5.77 12.97
CA ASN A 129 -28.90 -4.52 13.37
C ASN A 129 -30.29 -4.84 13.90
N GLU A 130 -31.05 -5.62 13.13
CA GLU A 130 -32.39 -6.01 13.54
C GLU A 130 -32.44 -6.74 14.88
N LYS A 131 -31.44 -7.57 15.17
CA LYS A 131 -31.39 -8.26 16.44
C LYS A 131 -31.25 -7.25 17.59
N VAL A 132 -30.48 -6.19 17.35
CA VAL A 132 -30.39 -5.13 18.35
C VAL A 132 -31.73 -4.41 18.50
N GLN A 133 -32.40 -4.11 17.39
CA GLN A 133 -33.71 -3.47 17.45
C GLN A 133 -34.65 -4.32 18.31
N GLU A 134 -34.62 -5.64 18.11
CA GLU A 134 -35.51 -6.52 18.87
C GLU A 134 -35.18 -6.52 20.36
N ALA A 135 -33.89 -6.39 20.69
CA ALA A 135 -33.53 -6.31 22.10
C ALA A 135 -34.11 -5.01 22.70
N LEU A 136 -34.04 -3.93 21.94
CA LEU A 136 -34.57 -2.65 22.38
C LEU A 136 -36.09 -2.67 22.50
N GLN A 137 -36.74 -3.37 21.58
CA GLN A 137 -38.19 -3.53 21.65
C GLN A 137 -38.61 -4.28 22.92
N LEU A 138 -37.85 -5.31 23.27
CA LEU A 138 -38.05 -6.02 24.53
C LEU A 138 -37.87 -5.08 25.73
N LEU A 139 -36.83 -4.24 25.69
CA LEU A 139 -36.57 -3.31 26.78
C LEU A 139 -37.74 -2.33 26.87
N ASP A 140 -38.19 -1.88 25.71
CA ASP A 140 -39.27 -0.90 25.66
C ASP A 140 -40.54 -1.52 26.27
N LYS A 141 -40.75 -2.83 26.06
CA LYS A 141 -41.87 -3.54 26.66
CA LYS A 141 -41.90 -3.51 26.66
C LYS A 141 -41.74 -3.62 28.18
N PHE A 142 -40.56 -4.05 28.64
CA PHE A 142 -40.26 -4.13 30.07
C PHE A 142 -40.58 -2.82 30.78
N LEU A 143 -40.44 -1.72 30.05
CA LEU A 143 -40.55 -0.38 30.61
C LEU A 143 -41.96 0.19 30.47
N GLU A 144 -42.86 -0.56 29.83
CA GLU A 144 -44.22 -0.07 29.66
CA GLU A 144 -44.23 -0.12 29.66
C GLU A 144 -44.92 0.08 31.00
N GLY A 145 -45.32 1.31 31.30
CA GLY A 145 -45.94 1.62 32.58
C GLY A 145 -45.00 1.57 33.77
N GLN A 146 -43.69 1.59 33.52
CA GLN A 146 -42.69 1.48 34.59
C GLN A 146 -41.65 2.58 34.57
N LYS A 147 -41.36 3.15 35.72
CA LYS A 147 -40.30 4.15 35.86
C LYS A 147 -38.91 3.56 35.66
N TYR A 148 -38.68 2.40 36.25
CA TYR A 148 -37.39 1.74 36.18
C TYR A 148 -37.57 0.34 35.61
N VAL A 149 -36.46 -0.34 35.34
CA VAL A 149 -36.50 -1.55 34.53
C VAL A 149 -36.83 -2.78 35.37
N ALA A 150 -36.66 -2.69 36.68
CA ALA A 150 -36.91 -3.85 37.53
C ALA A 150 -37.55 -3.43 38.85
N GLY A 151 -38.73 -2.83 38.75
CA GLY A 151 -39.46 -2.45 39.92
C GLY A 151 -39.55 -0.95 40.06
N PRO A 152 -40.14 -0.50 41.16
CA PRO A 152 -40.39 0.94 41.37
C PRO A 152 -39.13 1.75 41.73
N ASN A 153 -38.05 1.11 42.15
CA ASN A 153 -36.86 1.85 42.52
C ASN A 153 -35.71 1.65 41.53
N LEU A 154 -34.77 2.60 41.53
CA LEU A 154 -33.51 2.41 40.83
C LEU A 154 -32.82 1.15 41.38
N THR A 155 -32.34 0.28 40.48
CA THR A 155 -31.60 -0.92 40.92
C THR A 155 -30.32 -1.13 40.11
N VAL A 156 -29.47 -2.05 40.57
CA VAL A 156 -28.27 -2.36 39.83
C VAL A 156 -28.60 -2.79 38.39
N ALA A 157 -29.83 -3.24 38.14
CA ALA A 157 -30.25 -3.56 36.78
C ALA A 157 -30.31 -2.32 35.87
N ASP A 158 -30.87 -1.22 36.38
CA ASP A 158 -30.84 0.03 35.61
C ASP A 158 -29.38 0.45 35.31
N LEU A 159 -28.53 0.35 36.30
CA LEU A 159 -27.18 0.87 36.16
C LEU A 159 -26.36 0.05 35.14
N SER A 160 -26.50 -1.26 35.19
CA SER A 160 -25.83 -2.12 34.22
C SER A 160 -26.42 -1.90 32.82
N LEU A 161 -27.75 -1.86 32.73
CA LEU A 161 -28.39 -1.68 31.43
C LEU A 161 -28.10 -0.31 30.82
N ILE A 162 -28.01 0.72 31.66
CA ILE A 162 -27.77 2.03 31.10
C ILE A 162 -26.33 2.13 30.62
N ALA A 163 -25.39 1.47 31.30
CA ALA A 163 -24.02 1.47 30.82
C ALA A 163 -23.94 0.82 29.43
N SER A 164 -24.71 -0.26 29.24
CA SER A 164 -24.81 -0.88 27.91
C SER A 164 -25.52 0.02 26.89
N VAL A 165 -26.77 0.37 27.17
CA VAL A 165 -27.58 1.20 26.27
C VAL A 165 -26.92 2.51 25.86
N SER A 166 -26.31 3.21 26.82
CA SER A 166 -25.59 4.43 26.48
C SER A 166 -24.48 4.19 25.44
N SER A 167 -23.77 3.06 25.54
CA SER A 167 -22.73 2.76 24.56
C SER A 167 -23.24 2.80 23.10
N LEU A 168 -24.54 2.60 22.91
CA LEU A 168 -25.13 2.62 21.57
C LEU A 168 -25.03 3.99 20.91
N GLU A 169 -24.81 5.03 21.70
CA GLU A 169 -24.66 6.38 21.15
C GLU A 169 -23.40 6.49 20.28
N ALA A 170 -22.49 5.53 20.40
CA ALA A 170 -21.30 5.54 19.58
C ALA A 170 -21.58 4.95 18.19
N SER A 171 -22.76 4.38 18.01
CA SER A 171 -23.12 3.67 16.78
C SER A 171 -24.29 4.34 16.08
N ASP A 172 -24.84 3.65 15.10
CA ASP A 172 -25.99 4.16 14.35
C ASP A 172 -27.33 3.60 14.84
N ILE A 173 -27.35 3.01 16.02
CA ILE A 173 -28.60 2.51 16.58
C ILE A 173 -29.32 3.63 17.32
N ASP A 174 -30.46 4.04 16.78
CA ASP A 174 -31.25 5.10 17.37
C ASP A 174 -32.17 4.49 18.43
N PHE A 175 -31.69 4.38 19.66
CA PHE A 175 -32.50 3.72 20.71
C PHE A 175 -33.56 4.63 21.29
N LYS A 176 -33.36 5.93 21.15
CA LYS A 176 -34.34 6.88 21.66
C LYS A 176 -35.66 6.85 20.89
N LYS A 177 -35.69 6.17 19.74
CA LYS A 177 -36.95 6.04 18.99
C LYS A 177 -37.94 5.15 19.73
N TYR A 178 -37.44 4.42 20.72
CA TYR A 178 -38.30 3.66 21.60
C TYR A 178 -38.67 4.53 22.79
N ALA A 179 -39.94 4.95 22.80
CA ALA A 179 -40.42 5.98 23.72
C ALA A 179 -40.20 5.65 25.20
N ASN A 180 -40.51 4.42 25.60
CA ASN A 180 -40.27 4.05 26.99
C ASN A 180 -38.79 4.00 27.34
N VAL A 181 -37.98 3.47 26.41
CA VAL A 181 -36.53 3.45 26.60
C VAL A 181 -36.02 4.89 26.77
N LYS A 182 -36.48 5.79 25.89
CA LYS A 182 -36.07 7.20 25.94
C LYS A 182 -36.40 7.81 27.31
N ARG A 183 -37.63 7.58 27.78
CA ARG A 183 -38.08 8.08 29.08
C ARG A 183 -37.19 7.57 30.23
N TRP A 184 -37.03 6.26 30.27
CA TRP A 184 -36.17 5.60 31.26
C TRP A 184 -34.71 6.12 31.22
N TYR A 185 -34.14 6.19 30.03
CA TYR A 185 -32.79 6.73 29.86
C TYR A 185 -32.64 8.05 30.60
N GLU A 186 -33.56 8.98 30.31
CA GLU A 186 -33.56 10.30 30.95
CA GLU A 186 -33.53 10.28 30.96
C GLU A 186 -33.69 10.20 32.47
N THR A 187 -34.62 9.37 32.94
CA THR A 187 -34.84 9.22 34.37
C THR A 187 -33.58 8.75 35.08
N VAL A 188 -32.92 7.75 34.51
CA VAL A 188 -31.75 7.19 35.16
C VAL A 188 -30.59 8.18 35.17
N LYS A 189 -30.40 8.88 34.05
CA LYS A 189 -29.39 9.93 33.97
C LYS A 189 -29.53 10.94 35.11
N SER A 190 -30.76 11.31 35.42
CA SER A 190 -31.00 12.35 36.42
CA SER A 190 -31.04 12.36 36.41
C SER A 190 -31.20 11.82 37.83
N THR A 191 -31.17 10.50 37.99
CA THR A 191 -31.37 9.94 39.34
C THR A 191 -30.23 9.06 39.86
N ALA A 192 -29.42 8.51 38.96
CA ALA A 192 -28.28 7.73 39.39
C ALA A 192 -27.21 8.66 39.95
N PRO A 193 -26.87 8.53 41.24
CA PRO A 193 -25.82 9.39 41.80
C PRO A 193 -24.51 9.30 40.98
N GLY A 194 -23.85 10.43 40.74
CA GLY A 194 -22.56 10.46 40.09
C GLY A 194 -22.53 9.96 38.65
N TYR A 195 -23.68 10.04 37.98
CA TYR A 195 -23.78 9.52 36.61
C TYR A 195 -22.77 10.16 35.66
N GLN A 196 -22.59 11.46 35.78
CA GLN A 196 -21.70 12.18 34.87
C GLN A 196 -20.30 11.58 34.96
N GLU A 197 -19.81 11.43 36.18
CA GLU A 197 -18.46 10.96 36.39
C GLU A 197 -18.36 9.46 36.18
N ALA A 198 -19.33 8.70 36.66
CA ALA A 198 -19.25 7.24 36.59
C ALA A 198 -19.54 6.70 35.18
N ASN A 199 -20.46 7.33 34.46
CA ASN A 199 -20.82 6.85 33.11
C ASN A 199 -20.49 7.78 31.94
N GLU A 200 -20.89 9.04 32.04
CA GLU A 200 -20.78 9.95 30.89
C GLU A 200 -19.34 10.22 30.48
N LYS A 201 -18.49 10.43 31.47
CA LYS A 201 -17.06 10.64 31.21
C LYS A 201 -16.50 9.46 30.41
N GLY A 202 -16.63 8.25 30.95
CA GLY A 202 -16.20 7.06 30.23
C GLY A 202 -16.85 6.86 28.85
N LEU A 203 -18.15 7.14 28.76
CA LEU A 203 -18.86 7.03 27.48
C LEU A 203 -18.17 7.91 26.45
N GLU A 204 -17.73 9.08 26.90
CA GLU A 204 -17.05 10.01 26.00
C GLU A 204 -15.75 9.40 25.50
N ALA A 205 -15.01 8.74 26.40
CA ALA A 205 -13.74 8.10 26.04
C ALA A 205 -13.97 7.00 24.99
N PHE A 206 -15.03 6.21 25.21
CA PHE A 206 -15.45 5.16 24.29
C PHE A 206 -15.77 5.73 22.90
N LYS A 207 -16.55 6.81 22.84
CA LYS A 207 -16.81 7.49 21.58
C LYS A 207 -15.50 7.91 20.92
N GLY A 208 -14.56 8.38 21.73
CA GLY A 208 -13.22 8.71 21.27
C GLY A 208 -12.49 7.54 20.62
N LEU A 209 -12.50 6.39 21.29
CA LEU A 209 -11.85 5.19 20.77
C LEU A 209 -12.53 4.81 19.47
N VAL A 210 -13.87 4.81 19.46
CA VAL A 210 -14.64 4.46 18.27
C VAL A 210 -14.32 5.37 17.07
N ASN A 211 -14.39 6.68 17.25
CA ASN A 211 -14.02 7.60 16.18
C ASN A 211 -12.63 7.32 15.62
N SER A 212 -11.68 7.14 16.53
CA SER A 212 -10.30 6.89 16.15
C SER A 212 -10.18 5.64 15.27
N MET A 213 -10.88 4.57 15.67
CA MET A 213 -10.82 3.30 14.96
C MET A 213 -11.58 3.34 13.63
N LEU A 214 -12.64 4.14 13.58
CA LEU A 214 -13.42 4.27 12.36
C LEU A 214 -12.82 5.36 11.48
N THR B 2 9.41 1.68 -52.65
CA THR B 2 9.52 0.57 -51.72
C THR B 2 8.22 0.30 -50.97
N ILE B 3 8.37 -0.28 -49.77
CA ILE B 3 7.24 -0.93 -49.12
C ILE B 3 7.42 -0.99 -47.60
N ASP B 4 6.45 -0.47 -46.87
CA ASP B 4 6.61 -0.21 -45.43
C ASP B 4 6.02 -1.28 -44.53
N LEU B 5 6.81 -1.71 -43.54
CA LEU B 5 6.31 -2.61 -42.51
C LEU B 5 6.41 -1.99 -41.12
N TYR B 6 5.27 -1.67 -40.55
CA TYR B 6 5.20 -1.19 -39.18
C TYR B 6 5.11 -2.40 -38.25
N TYR B 7 6.04 -2.49 -37.30
CA TYR B 7 6.18 -3.70 -36.48
C TYR B 7 6.81 -3.42 -35.12
N VAL B 8 6.80 -4.42 -34.25
CA VAL B 8 7.78 -4.54 -33.18
C VAL B 8 8.32 -5.96 -33.30
N PRO B 9 9.59 -6.18 -32.91
CA PRO B 9 10.19 -7.50 -33.13
C PRO B 9 9.69 -8.61 -32.20
N GLY B 10 9.06 -8.27 -31.08
CA GLY B 10 8.58 -9.29 -30.16
C GLY B 10 7.25 -9.93 -30.57
N SER B 11 6.48 -9.22 -31.38
CA SER B 11 5.15 -9.66 -31.80
C SER B 11 5.19 -10.89 -32.70
N ALA B 12 4.47 -11.96 -32.32
CA ALA B 12 4.45 -13.19 -33.12
C ALA B 12 3.98 -12.97 -34.57
N PRO B 13 2.88 -12.25 -34.77
CA PRO B 13 2.51 -12.01 -36.18
C PRO B 13 3.51 -11.10 -36.94
N CYS B 14 4.23 -10.23 -36.25
CA CYS B 14 5.25 -9.44 -36.91
C CYS B 14 6.37 -10.37 -37.35
N ARG B 15 6.74 -11.28 -36.47
CA ARG B 15 7.79 -12.26 -36.78
C ARG B 15 7.45 -13.19 -37.96
N ALA B 16 6.18 -13.54 -38.11
CA ALA B 16 5.72 -14.29 -39.27
C ALA B 16 6.04 -13.55 -40.58
N VAL B 17 5.73 -12.26 -40.61
CA VAL B 17 6.03 -11.42 -41.76
C VAL B 17 7.55 -11.29 -41.97
N LEU B 18 8.29 -11.01 -40.89
CA LEU B 18 9.75 -10.94 -41.01
C LEU B 18 10.33 -12.21 -41.61
N LEU B 19 9.84 -13.36 -41.14
CA LEU B 19 10.31 -14.65 -41.63
C LEU B 19 10.03 -14.80 -43.12
N THR B 20 8.82 -14.40 -43.53
CA THR B 20 8.39 -14.52 -44.92
C THR B 20 9.24 -13.61 -45.80
N ALA B 21 9.55 -12.41 -45.30
CA ALA B 21 10.43 -11.53 -46.05
C ALA B 21 11.82 -12.17 -46.22
N LYS B 22 12.35 -12.79 -45.15
CA LYS B 22 13.62 -13.51 -45.29
C LYS B 22 13.56 -14.66 -46.30
N ALA B 23 12.52 -15.46 -46.23
CA ALA B 23 12.38 -16.59 -47.15
C ALA B 23 12.25 -16.13 -48.62
N LEU B 24 11.70 -14.94 -48.84
CA LEU B 24 11.57 -14.41 -50.20
C LEU B 24 12.76 -13.54 -50.57
N ASN B 25 13.66 -13.35 -49.61
CA ASN B 25 14.76 -12.42 -49.76
C ASN B 25 14.31 -11.03 -50.22
N LEU B 26 13.29 -10.49 -49.56
CA LEU B 26 12.82 -9.13 -49.83
C LEU B 26 13.41 -8.10 -48.87
N ASN B 27 13.48 -6.85 -49.32
CA ASN B 27 13.95 -5.75 -48.51
CA ASN B 27 13.94 -5.76 -48.49
C ASN B 27 12.82 -4.78 -48.16
N LEU B 28 12.14 -5.04 -47.05
CA LEU B 28 11.06 -4.19 -46.58
C LEU B 28 11.60 -2.98 -45.80
N ASN B 29 10.92 -1.85 -45.90
CA ASN B 29 11.28 -0.71 -45.07
C ASN B 29 10.68 -0.87 -43.67
N LEU B 30 11.49 -1.34 -42.74
CA LEU B 30 11.02 -1.62 -41.39
C LEU B 30 10.80 -0.36 -40.59
N LYS B 31 9.62 -0.22 -40.01
CA LYS B 31 9.31 0.96 -39.20
C LYS B 31 8.80 0.55 -37.82
N LEU B 32 9.66 0.75 -36.83
CA LEU B 32 9.35 0.38 -35.45
C LEU B 32 8.20 1.22 -34.89
N VAL B 33 7.31 0.56 -34.17
CA VAL B 33 6.19 1.26 -33.56
C VAL B 33 6.36 1.25 -32.05
N ASP B 34 6.20 2.42 -31.44
CA ASP B 34 6.32 2.52 -29.99
C ASP B 34 4.95 2.19 -29.37
N LEU B 35 4.62 0.90 -29.36
CA LEU B 35 3.36 0.43 -28.78
C LEU B 35 3.32 0.70 -27.29
N HIS B 36 4.47 0.52 -26.64
CA HIS B 36 4.62 0.74 -25.19
C HIS B 36 4.15 2.14 -24.82
N HIS B 37 4.31 3.09 -25.73
CA HIS B 37 3.86 4.46 -25.46
C HIS B 37 2.72 4.91 -26.36
N GLY B 38 2.01 3.94 -26.93
CA GLY B 38 0.75 4.21 -27.61
C GLY B 38 0.83 5.02 -28.89
N GLU B 39 1.93 4.89 -29.61
CA GLU B 39 2.05 5.53 -30.93
C GLU B 39 0.94 5.02 -31.85
N GLN B 40 0.56 3.77 -31.69
CA GLN B 40 -0.48 3.18 -32.53
C GLN B 40 -1.85 3.84 -32.35
N LEU B 41 -1.99 4.66 -31.31
CA LEU B 41 -3.28 5.27 -31.03
C LEU B 41 -3.40 6.69 -31.57
N LYS B 42 -2.31 7.23 -32.09
CA LYS B 42 -2.35 8.55 -32.71
C LYS B 42 -3.05 8.50 -34.06
N PRO B 43 -3.66 9.64 -34.47
CA PRO B 43 -4.43 9.78 -35.71
C PRO B 43 -3.71 9.21 -36.94
N GLU B 44 -2.45 9.57 -37.15
CA GLU B 44 -1.75 9.12 -38.35
C GLU B 44 -1.72 7.60 -38.45
N TYR B 45 -1.52 6.90 -37.33
CA TYR B 45 -1.48 5.44 -37.35
C TYR B 45 -2.87 4.84 -37.50
N LEU B 46 -3.84 5.41 -36.78
CA LEU B 46 -5.21 4.95 -36.90
C LEU B 46 -5.73 5.08 -38.33
N LYS B 47 -5.19 6.06 -39.06
CA LYS B 47 -5.61 6.29 -40.43
C LYS B 47 -5.12 5.17 -41.34
N LEU B 48 -4.04 4.51 -40.95
CA LEU B 48 -3.46 3.39 -41.69
C LEU B 48 -4.09 2.08 -41.25
N ASN B 49 -4.44 2.02 -39.97
CA ASN B 49 -4.95 0.80 -39.37
C ASN B 49 -5.82 1.12 -38.16
N PRO B 50 -7.13 1.16 -38.38
CA PRO B 50 -8.19 1.48 -37.40
C PRO B 50 -8.12 0.54 -36.20
N GLN B 51 -7.56 -0.65 -36.40
CA GLN B 51 -7.48 -1.64 -35.35
C GLN B 51 -6.24 -1.42 -34.48
N HIS B 52 -5.42 -0.44 -34.87
CA HIS B 52 -4.20 -0.07 -34.14
C HIS B 52 -3.32 -1.23 -33.61
N THR B 53 -3.00 -2.16 -34.50
CA THR B 53 -2.15 -3.31 -34.17
C THR B 53 -0.87 -3.32 -35.01
N VAL B 54 0.03 -4.23 -34.69
CA VAL B 54 1.13 -4.55 -35.59
C VAL B 54 1.00 -6.02 -35.95
N PRO B 55 1.48 -6.43 -37.14
CA PRO B 55 2.13 -5.55 -38.13
C PRO B 55 1.13 -4.82 -39.03
N THR B 56 1.58 -3.72 -39.62
CA THR B 56 0.82 -3.08 -40.70
C THR B 56 1.72 -2.93 -41.91
N LEU B 57 1.32 -3.54 -43.02
CA LEU B 57 2.02 -3.35 -44.27
C LEU B 57 1.38 -2.19 -45.03
N VAL B 58 2.19 -1.26 -45.53
CA VAL B 58 1.66 -0.22 -46.39
C VAL B 58 2.38 -0.22 -47.72
N ASP B 59 1.64 -0.48 -48.79
CA ASP B 59 2.22 -0.63 -50.12
C ASP B 59 1.44 0.20 -51.11
N ASP B 60 1.90 1.44 -51.33
CA ASP B 60 1.26 2.40 -52.22
C ASP B 60 -0.27 2.30 -52.28
N GLY B 61 -0.95 2.76 -51.24
CA GLY B 61 -2.39 2.74 -51.23
C GLY B 61 -2.95 1.53 -50.52
N LEU B 62 -2.20 0.43 -50.54
CA LEU B 62 -2.64 -0.79 -49.86
C LEU B 62 -2.16 -0.77 -48.42
N SER B 63 -3.09 -0.88 -47.47
CA SER B 63 -2.75 -1.01 -46.08
C SER B 63 -3.46 -2.21 -45.47
N ILE B 64 -2.70 -3.26 -45.17
CA ILE B 64 -3.26 -4.45 -44.55
C ILE B 64 -2.50 -4.77 -43.27
N TRP B 65 -3.19 -5.31 -42.28
CA TRP B 65 -2.58 -5.56 -40.99
C TRP B 65 -2.78 -6.96 -40.40
N GLU B 66 -3.55 -7.79 -41.11
CA GLU B 66 -3.61 -9.19 -40.73
C GLU B 66 -2.36 -9.86 -41.26
N SER B 67 -1.52 -10.36 -40.34
CA SER B 67 -0.24 -10.98 -40.71
C SER B 67 -0.36 -12.11 -41.75
N ARG B 68 -1.45 -12.86 -41.68
CA ARG B 68 -1.57 -14.02 -42.54
C ARG B 68 -2.05 -13.63 -43.94
N ALA B 69 -2.63 -12.44 -44.07
CA ALA B 69 -2.90 -11.85 -45.38
C ALA B 69 -1.65 -11.17 -45.94
N ILE B 70 -0.78 -10.68 -45.06
CA ILE B 70 0.44 -10.03 -45.51
C ILE B 70 1.40 -11.05 -46.12
N ILE B 71 1.56 -12.19 -45.47
CA ILE B 71 2.55 -13.17 -45.90
C ILE B 71 2.19 -13.86 -47.22
N THR B 72 0.90 -14.02 -47.49
CA THR B 72 0.45 -14.51 -48.79
C THR B 72 0.51 -13.40 -49.86
N TYR B 73 0.18 -12.18 -49.47
CA TYR B 73 0.34 -11.04 -50.37
C TYR B 73 1.78 -10.89 -50.89
N LEU B 74 2.76 -11.00 -50.00
CA LEU B 74 4.17 -10.88 -50.42
C LEU B 74 4.58 -11.93 -51.43
N VAL B 75 4.11 -13.17 -51.24
CA VAL B 75 4.37 -14.22 -52.22
C VAL B 75 3.57 -13.98 -53.51
N ASN B 76 2.28 -13.70 -53.37
CA ASN B 76 1.45 -13.41 -54.53
C ASN B 76 1.99 -12.28 -55.38
N LYS B 77 2.59 -11.30 -54.73
CA LYS B 77 3.07 -10.12 -55.41
C LYS B 77 4.40 -10.37 -56.09
N TYR B 78 5.34 -10.93 -55.33
CA TYR B 78 6.75 -10.99 -55.75
C TYR B 78 7.23 -12.33 -56.30
N ALA B 79 6.60 -13.42 -55.88
CA ALA B 79 7.03 -14.74 -56.32
C ALA B 79 5.87 -15.67 -56.64
N LYS B 80 5.00 -15.22 -57.54
CA LYS B 80 3.90 -16.04 -58.02
CA LYS B 80 3.90 -16.02 -58.02
C LYS B 80 4.41 -17.41 -58.38
N GLY B 81 3.84 -18.44 -57.75
CA GLY B 81 4.23 -19.81 -58.04
C GLY B 81 5.30 -20.38 -57.13
N SER B 82 5.74 -19.60 -56.15
CA SER B 82 6.73 -20.10 -55.20
C SER B 82 6.15 -21.30 -54.45
N SER B 83 7.00 -22.26 -54.15
CA SER B 83 6.61 -23.35 -53.28
C SER B 83 6.22 -22.82 -51.89
N LEU B 84 6.55 -21.58 -51.58
CA LEU B 84 6.18 -21.02 -50.28
C LEU B 84 4.67 -20.86 -50.18
N TYR B 85 4.01 -20.82 -51.33
CA TYR B 85 2.57 -20.62 -51.35
C TYR B 85 2.07 -21.10 -52.71
N PRO B 86 2.07 -22.43 -52.90
CA PRO B 86 1.79 -23.00 -54.22
C PRO B 86 0.42 -22.60 -54.76
N GLU B 87 0.34 -22.43 -56.08
CA GLU B 87 -0.89 -22.03 -56.77
C GLU B 87 -1.91 -23.16 -56.95
N ASP B 88 -1.43 -24.40 -56.97
CA ASP B 88 -2.34 -25.53 -57.13
C ASP B 88 -3.38 -25.48 -56.02
N PRO B 89 -4.66 -25.55 -56.38
CA PRO B 89 -5.75 -25.30 -55.42
C PRO B 89 -5.70 -26.21 -54.19
N LYS B 90 -5.52 -27.51 -54.36
CA LYS B 90 -5.46 -28.42 -53.21
C LYS B 90 -4.24 -28.12 -52.36
N ALA B 91 -3.11 -27.85 -53.03
CA ALA B 91 -1.88 -27.54 -52.31
C ALA B 91 -2.04 -26.24 -51.55
N ARG B 92 -2.66 -25.24 -52.17
CA ARG B 92 -2.89 -23.96 -51.48
C ARG B 92 -3.93 -24.11 -50.38
N ALA B 93 -4.94 -24.94 -50.63
CA ALA B 93 -6.01 -25.14 -49.66
C ALA B 93 -5.43 -25.56 -48.31
N LEU B 94 -4.45 -26.46 -48.35
CA LEU B 94 -3.84 -26.98 -47.14
C LEU B 94 -3.04 -25.92 -46.41
N VAL B 95 -2.25 -25.13 -47.13
CA VAL B 95 -1.55 -24.00 -46.52
C VAL B 95 -2.56 -23.05 -45.88
N ASP B 96 -3.53 -22.57 -46.65
CA ASP B 96 -4.59 -21.73 -46.07
C ASP B 96 -5.21 -22.34 -44.79
N GLN B 97 -5.57 -23.63 -44.85
CA GLN B 97 -6.15 -24.28 -43.67
C GLN B 97 -5.26 -24.19 -42.44
N ARG B 98 -3.96 -24.40 -42.64
CA ARG B 98 -3.01 -24.33 -41.55
C ARG B 98 -2.92 -22.91 -41.01
N LEU B 99 -3.06 -21.92 -41.89
CA LEU B 99 -3.02 -20.52 -41.45
C LEU B 99 -4.25 -20.20 -40.60
N TYR B 100 -5.42 -20.72 -40.98
CA TYR B 100 -6.63 -20.49 -40.20
C TYR B 100 -6.58 -21.22 -38.86
N PHE B 101 -5.99 -22.41 -38.88
CA PHE B 101 -5.69 -23.14 -37.67
C PHE B 101 -4.80 -22.29 -36.72
N ASP B 102 -3.80 -21.64 -37.29
CA ASP B 102 -2.89 -20.80 -36.52
C ASP B 102 -3.61 -19.68 -35.76
N ILE B 103 -4.31 -18.83 -36.50
CA ILE B 103 -4.98 -17.69 -35.91
C ILE B 103 -6.17 -18.13 -35.08
N GLY B 104 -6.98 -19.02 -35.65
CA GLY B 104 -8.25 -19.39 -35.05
C GLY B 104 -8.16 -20.35 -33.89
N THR B 105 -7.09 -21.15 -33.85
CA THR B 105 -7.01 -22.20 -32.85
C THR B 105 -5.74 -22.16 -32.01
N LEU B 106 -4.59 -22.34 -32.63
CA LEU B 106 -3.36 -22.46 -31.86
C LEU B 106 -3.00 -21.12 -31.20
N TYR B 107 -2.94 -20.05 -31.95
CA TYR B 107 -2.58 -18.79 -31.34
C TYR B 107 -3.70 -18.24 -30.51
N GLN B 108 -4.93 -18.37 -30.96
CA GLN B 108 -6.06 -17.85 -30.21
C GLN B 108 -6.08 -18.42 -28.80
N ARG B 109 -5.83 -19.71 -28.68
CA ARG B 109 -5.86 -20.37 -27.38
C ARG B 109 -4.63 -19.99 -26.56
N PHE B 110 -3.50 -19.76 -27.22
CA PHE B 110 -2.33 -19.28 -26.51
C PHE B 110 -2.59 -17.88 -25.94
N SER B 111 -3.12 -16.97 -26.76
CA SER B 111 -3.40 -15.61 -26.30
CA SER B 111 -3.42 -15.61 -26.31
C SER B 111 -4.35 -15.59 -25.10
N ASP B 112 -5.45 -16.36 -25.19
CA ASP B 112 -6.44 -16.46 -24.11
C ASP B 112 -5.82 -16.95 -22.81
N TYR B 113 -4.88 -17.89 -22.93
CA TYR B 113 -4.23 -18.48 -21.77
C TYR B 113 -3.14 -17.58 -21.17
N PHE B 114 -2.37 -16.92 -22.03
CA PHE B 114 -1.14 -16.24 -21.61
C PHE B 114 -1.30 -14.73 -21.35
N TYR B 115 -1.93 -14.02 -22.26
CA TYR B 115 -2.06 -12.59 -22.16
C TYR B 115 -2.91 -12.00 -21.00
N PRO B 116 -3.84 -12.76 -20.45
CA PRO B 116 -4.44 -12.35 -19.18
C PRO B 116 -3.39 -12.27 -18.07
N GLN B 117 -2.46 -13.21 -18.07
CA GLN B 117 -1.42 -13.27 -17.05
C GLN B 117 -0.38 -12.17 -17.20
N VAL B 118 -0.07 -11.80 -18.43
CA VAL B 118 0.97 -10.82 -18.69
C VAL B 118 0.49 -9.37 -18.54
N PHE B 119 -0.74 -9.10 -18.96
CA PHE B 119 -1.23 -7.71 -19.02
C PHE B 119 -2.34 -7.34 -18.03
N ALA B 120 -2.86 -8.33 -17.31
CA ALA B 120 -3.87 -8.06 -16.29
C ALA B 120 -3.44 -8.62 -14.94
N GLY B 121 -2.37 -9.40 -14.96
CA GLY B 121 -1.85 -10.04 -13.75
C GLY B 121 -2.60 -11.30 -13.38
N ALA B 122 -3.58 -11.67 -14.20
CA ALA B 122 -4.41 -12.85 -13.96
C ALA B 122 -3.57 -14.08 -13.63
N PRO B 123 -4.17 -15.07 -12.97
CA PRO B 123 -3.49 -16.33 -12.68
C PRO B 123 -3.68 -17.32 -13.82
N ALA B 124 -2.77 -18.28 -13.95
CA ALA B 124 -2.89 -19.28 -14.99
C ALA B 124 -4.16 -20.10 -14.80
N ASP B 125 -4.94 -20.24 -15.87
CA ASP B 125 -6.16 -21.03 -15.85
C ASP B 125 -5.86 -22.42 -16.40
N LYS B 126 -6.26 -23.46 -15.69
CA LYS B 126 -5.97 -24.83 -16.10
C LYS B 126 -6.80 -25.25 -17.31
N ALA B 127 -8.00 -24.68 -17.42
CA ALA B 127 -8.85 -24.99 -18.55
C ALA B 127 -8.30 -24.34 -19.82
N LYS B 128 -8.00 -23.04 -19.74
CA LYS B 128 -7.42 -22.30 -20.85
C LYS B 128 -6.11 -22.94 -21.30
N ASN B 129 -5.38 -23.48 -20.33
CA ASN B 129 -4.14 -24.20 -20.56
C ASN B 129 -4.42 -25.44 -21.38
N GLU B 130 -5.28 -26.30 -20.86
CA GLU B 130 -5.62 -27.56 -21.52
C GLU B 130 -5.98 -27.36 -22.99
N LYS B 131 -6.74 -26.31 -23.28
CA LYS B 131 -7.09 -25.96 -24.65
C LYS B 131 -5.85 -25.77 -25.53
N VAL B 132 -4.80 -25.16 -24.97
CA VAL B 132 -3.55 -24.96 -25.71
C VAL B 132 -2.88 -26.32 -25.97
N GLN B 133 -3.05 -27.24 -25.03
CA GLN B 133 -2.47 -28.58 -25.20
C GLN B 133 -3.21 -29.31 -26.32
N GLU B 134 -4.50 -29.05 -26.45
CA GLU B 134 -5.31 -29.70 -27.47
C GLU B 134 -4.83 -29.25 -28.84
N ALA B 135 -4.52 -27.96 -28.93
CA ALA B 135 -4.05 -27.38 -30.18
C ALA B 135 -2.72 -27.98 -30.60
N LEU B 136 -1.84 -28.21 -29.62
CA LEU B 136 -0.53 -28.80 -29.91
C LEU B 136 -0.64 -30.27 -30.30
N GLN B 137 -1.65 -30.94 -29.76
CA GLN B 137 -1.86 -32.33 -30.11
C GLN B 137 -2.31 -32.38 -31.56
N LEU B 138 -3.16 -31.43 -31.93
CA LEU B 138 -3.64 -31.34 -33.29
C LEU B 138 -2.48 -31.12 -34.25
N LEU B 139 -1.62 -30.16 -33.92
CA LEU B 139 -0.45 -29.86 -34.73
C LEU B 139 0.41 -31.11 -34.86
N ASP B 140 0.54 -31.83 -33.74
CA ASP B 140 1.33 -33.05 -33.74
C ASP B 140 0.75 -34.08 -34.71
N LYS B 141 -0.58 -34.18 -34.77
CA LYS B 141 -1.25 -35.03 -35.75
C LYS B 141 -0.92 -34.59 -37.18
N PHE B 142 -1.09 -33.29 -37.46
CA PHE B 142 -0.83 -32.72 -38.79
C PHE B 142 0.58 -33.06 -39.27
N LEU B 143 1.50 -33.17 -38.32
CA LEU B 143 2.90 -33.41 -38.63
C LEU B 143 3.28 -34.91 -38.67
N GLU B 144 2.32 -35.78 -38.40
CA GLU B 144 2.57 -37.23 -38.43
C GLU B 144 3.06 -37.69 -39.81
N GLY B 145 4.33 -38.05 -39.89
CA GLY B 145 4.91 -38.51 -41.14
C GLY B 145 5.11 -37.40 -42.16
N GLN B 146 5.18 -36.17 -41.69
CA GLN B 146 5.35 -35.02 -42.56
C GLN B 146 6.53 -34.15 -42.10
N LYS B 147 7.39 -33.80 -43.04
CA LYS B 147 8.54 -32.96 -42.73
C LYS B 147 8.07 -31.54 -42.44
N TYR B 148 7.01 -31.11 -43.13
CA TYR B 148 6.46 -29.78 -42.93
C TYR B 148 4.96 -29.85 -42.63
N VAL B 149 4.36 -28.71 -42.29
CA VAL B 149 2.99 -28.65 -41.79
C VAL B 149 1.92 -28.57 -42.91
N ALA B 150 2.35 -28.20 -44.11
CA ALA B 150 1.41 -28.11 -45.24
C ALA B 150 2.05 -28.54 -46.56
N GLY B 151 2.39 -29.81 -46.66
CA GLY B 151 3.03 -30.30 -47.86
C GLY B 151 4.51 -30.64 -47.65
N PRO B 152 5.19 -31.01 -48.73
CA PRO B 152 6.58 -31.49 -48.69
C PRO B 152 7.60 -30.35 -48.63
N ASN B 153 7.14 -29.11 -48.77
CA ASN B 153 8.02 -27.95 -48.78
C ASN B 153 7.68 -26.97 -47.67
N LEU B 154 8.65 -26.13 -47.34
CA LEU B 154 8.45 -25.03 -46.41
C LEU B 154 7.42 -24.07 -47.00
N THR B 155 6.40 -23.71 -46.23
CA THR B 155 5.40 -22.75 -46.70
C THR B 155 5.22 -21.63 -45.69
N VAL B 156 4.48 -20.60 -46.07
CA VAL B 156 4.15 -19.54 -45.14
C VAL B 156 3.38 -20.07 -43.91
N ALA B 157 2.75 -21.24 -44.04
CA ALA B 157 2.11 -21.90 -42.89
C ALA B 157 3.13 -22.25 -41.80
N ASP B 158 4.26 -22.81 -42.22
CA ASP B 158 5.36 -23.11 -41.31
C ASP B 158 5.89 -21.83 -40.65
N LEU B 159 6.09 -20.81 -41.47
CA LEU B 159 6.61 -19.54 -40.98
C LEU B 159 5.67 -18.92 -39.94
N SER B 160 4.38 -18.84 -40.29
CA SER B 160 3.39 -18.29 -39.38
C SER B 160 3.24 -19.17 -38.13
N LEU B 161 3.06 -20.48 -38.33
CA LEU B 161 2.91 -21.38 -37.19
C LEU B 161 4.10 -21.35 -36.24
N ILE B 162 5.30 -21.22 -36.77
CA ILE B 162 6.46 -21.28 -35.90
C ILE B 162 6.64 -19.99 -35.11
N ALA B 163 6.26 -18.87 -35.72
CA ALA B 163 6.25 -17.59 -35.00
C ALA B 163 5.32 -17.69 -33.80
N SER B 164 4.15 -18.30 -34.02
CA SER B 164 3.17 -18.52 -32.95
C SER B 164 3.74 -19.47 -31.91
N VAL B 165 4.17 -20.64 -32.39
CA VAL B 165 4.58 -21.71 -31.50
C VAL B 165 5.82 -21.37 -30.71
N SER B 166 6.74 -20.63 -31.32
CA SER B 166 7.98 -20.26 -30.66
C SER B 166 7.70 -19.34 -29.47
N SER B 167 6.58 -18.62 -29.54
CA SER B 167 6.21 -17.68 -28.48
C SER B 167 5.98 -18.42 -27.18
N LEU B 168 5.60 -19.69 -27.28
CA LEU B 168 5.32 -20.52 -26.11
C LEU B 168 6.52 -20.73 -25.20
N GLU B 169 7.74 -20.67 -25.75
CA GLU B 169 8.89 -20.91 -24.88
C GLU B 169 9.13 -19.79 -23.87
N ALA B 170 8.28 -18.76 -23.93
CA ALA B 170 8.25 -17.72 -22.92
C ALA B 170 7.22 -18.07 -21.85
N SER B 171 6.49 -19.15 -22.06
CA SER B 171 5.47 -19.59 -21.12
C SER B 171 5.91 -20.91 -20.51
N ASP B 172 4.99 -21.56 -19.81
CA ASP B 172 5.29 -22.82 -19.13
C ASP B 172 4.77 -24.03 -19.90
N ILE B 173 4.32 -23.81 -21.13
CA ILE B 173 3.84 -24.90 -21.96
C ILE B 173 4.99 -25.59 -22.69
N ASP B 174 5.16 -26.89 -22.43
CA ASP B 174 6.25 -27.65 -23.02
C ASP B 174 5.83 -28.29 -24.34
N PHE B 175 5.79 -27.49 -25.41
CA PHE B 175 5.36 -28.00 -26.70
C PHE B 175 6.35 -29.02 -27.26
N LYS B 176 7.56 -29.07 -26.69
CA LYS B 176 8.57 -29.96 -27.22
C LYS B 176 8.35 -31.42 -26.82
N LYS B 177 7.48 -31.65 -25.83
CA LYS B 177 7.12 -33.00 -25.43
C LYS B 177 6.36 -33.70 -26.56
N TYR B 178 5.63 -32.91 -27.35
CA TYR B 178 4.94 -33.43 -28.53
C TYR B 178 5.97 -33.65 -29.64
N ALA B 179 6.25 -34.92 -29.92
CA ALA B 179 7.41 -35.31 -30.71
C ALA B 179 7.45 -34.79 -32.16
N ASN B 180 6.31 -34.80 -32.85
CA ASN B 180 6.26 -34.32 -34.23
C ASN B 180 6.44 -32.81 -34.28
N VAL B 181 5.79 -32.12 -33.34
CA VAL B 181 5.92 -30.68 -33.18
C VAL B 181 7.39 -30.35 -32.93
N LYS B 182 8.02 -31.12 -32.04
CA LYS B 182 9.42 -30.91 -31.73
C LYS B 182 10.34 -31.07 -32.95
N ARG B 183 10.16 -32.16 -33.69
CA ARG B 183 10.97 -32.41 -34.88
C ARG B 183 10.78 -31.33 -35.94
N TRP B 184 9.54 -30.93 -36.12
CA TRP B 184 9.21 -29.89 -37.09
C TRP B 184 9.84 -28.55 -36.67
N TYR B 185 9.71 -28.20 -35.40
CA TYR B 185 10.34 -27.00 -34.86
C TYR B 185 11.80 -26.92 -35.30
N GLU B 186 12.56 -27.97 -35.02
CA GLU B 186 13.99 -27.98 -35.31
C GLU B 186 14.24 -27.83 -36.79
N THR B 187 13.46 -28.54 -37.60
CA THR B 187 13.58 -28.48 -39.05
C THR B 187 13.40 -27.07 -39.58
N VAL B 188 12.31 -26.42 -39.15
CA VAL B 188 12.03 -25.05 -39.60
C VAL B 188 13.08 -24.06 -39.08
N LYS B 189 13.46 -24.21 -37.82
CA LYS B 189 14.54 -23.40 -37.23
C LYS B 189 15.79 -23.40 -38.12
N SER B 190 16.06 -24.52 -38.77
CA SER B 190 17.35 -24.66 -39.44
C SER B 190 17.23 -24.65 -40.95
N THR B 191 16.02 -24.49 -41.46
CA THR B 191 15.84 -24.36 -42.90
C THR B 191 15.23 -23.02 -43.28
N ALA B 192 14.51 -22.40 -42.36
CA ALA B 192 13.95 -21.08 -42.62
C ALA B 192 15.09 -20.06 -42.66
N PRO B 193 15.28 -19.41 -43.82
CA PRO B 193 16.33 -18.40 -43.95
C PRO B 193 16.17 -17.27 -42.94
N GLY B 194 17.29 -16.75 -42.45
CA GLY B 194 17.26 -15.68 -41.47
C GLY B 194 16.40 -15.90 -40.24
N TYR B 195 16.16 -17.16 -39.87
CA TYR B 195 15.38 -17.45 -38.66
C TYR B 195 15.92 -16.71 -37.43
N GLN B 196 17.22 -16.70 -37.27
CA GLN B 196 17.82 -16.05 -36.11
C GLN B 196 17.46 -14.57 -36.01
N GLU B 197 17.59 -13.85 -37.11
CA GLU B 197 17.36 -12.41 -37.11
C GLU B 197 15.87 -12.09 -37.10
N ALA B 198 15.09 -12.85 -37.87
CA ALA B 198 13.67 -12.55 -38.06
C ALA B 198 12.80 -13.03 -36.90
N ASN B 199 13.15 -14.17 -36.31
CA ASN B 199 12.35 -14.74 -35.23
C ASN B 199 13.04 -14.82 -33.86
N GLU B 200 14.22 -15.41 -33.80
CA GLU B 200 14.87 -15.64 -32.51
C GLU B 200 15.18 -14.35 -31.77
N LYS B 201 15.68 -13.37 -32.50
CA LYS B 201 16.01 -12.08 -31.93
C LYS B 201 14.78 -11.43 -31.31
N GLY B 202 13.65 -11.52 -32.00
CA GLY B 202 12.42 -10.90 -31.53
C GLY B 202 11.81 -11.71 -30.41
N LEU B 203 12.07 -13.01 -30.44
CA LEU B 203 11.59 -13.92 -29.41
C LEU B 203 12.30 -13.58 -28.10
N GLU B 204 13.58 -13.25 -28.22
CA GLU B 204 14.38 -12.87 -27.07
C GLU B 204 13.80 -11.61 -26.42
N ALA B 205 13.43 -10.62 -27.24
CA ALA B 205 12.82 -9.40 -26.72
C ALA B 205 11.46 -9.71 -26.08
N PHE B 206 10.70 -10.56 -26.76
CA PHE B 206 9.42 -11.01 -26.22
C PHE B 206 9.55 -11.62 -24.82
N LYS B 207 10.51 -12.53 -24.66
CA LYS B 207 10.76 -13.16 -23.38
C LYS B 207 11.13 -12.11 -22.32
N GLY B 208 11.81 -11.05 -22.74
CA GLY B 208 12.20 -9.98 -21.82
C GLY B 208 10.99 -9.20 -21.35
N LEU B 209 10.07 -8.92 -22.26
CA LEU B 209 8.82 -8.26 -21.93
C LEU B 209 8.02 -9.14 -20.97
N VAL B 210 8.06 -10.44 -21.18
CA VAL B 210 7.33 -11.35 -20.30
C VAL B 210 7.85 -11.24 -18.87
N ASN B 211 9.14 -11.44 -18.69
CA ASN B 211 9.74 -11.30 -17.36
C ASN B 211 9.45 -9.93 -16.74
N SER B 212 9.63 -8.87 -17.51
CA SER B 212 9.40 -7.52 -17.02
C SER B 212 7.98 -7.34 -16.47
N MET B 213 6.98 -7.73 -17.25
CA MET B 213 5.60 -7.56 -16.83
C MET B 213 5.26 -8.53 -15.71
N LEU B 214 6.05 -9.59 -15.61
CA LEU B 214 5.97 -10.51 -14.47
C LEU B 214 6.77 -9.93 -13.31
N MET C 1 34.03 10.09 -15.14
CA MET C 1 33.96 11.54 -14.95
C MET C 1 32.58 12.11 -15.30
N THR C 2 31.77 11.33 -16.03
CA THR C 2 30.40 11.71 -16.34
C THR C 2 29.49 11.41 -15.15
N ILE C 3 28.31 12.05 -15.12
CA ILE C 3 27.28 11.72 -14.15
C ILE C 3 26.16 10.98 -14.90
N ASP C 4 26.03 9.68 -14.70
CA ASP C 4 25.12 8.89 -15.51
C ASP C 4 23.76 8.78 -14.86
N LEU C 5 22.72 8.78 -15.68
CA LEU C 5 21.35 8.61 -15.21
C LEU C 5 20.64 7.57 -16.06
N TYR C 6 20.36 6.42 -15.46
CA TYR C 6 19.53 5.40 -16.08
C TYR C 6 18.09 5.78 -15.76
N TYR C 7 17.25 5.91 -16.80
CA TYR C 7 15.95 6.55 -16.65
C TYR C 7 15.02 6.10 -17.75
N VAL C 8 13.74 6.45 -17.63
CA VAL C 8 12.86 6.51 -18.78
C VAL C 8 12.08 7.79 -18.64
N PRO C 9 11.64 8.37 -19.77
CA PRO C 9 11.03 9.71 -19.80
C PRO C 9 9.72 9.76 -19.02
N GLY C 10 8.93 8.69 -19.09
CA GLY C 10 7.59 8.73 -18.55
C GLY C 10 7.55 8.71 -17.03
N SER C 11 8.60 8.18 -16.44
CA SER C 11 8.63 7.92 -15.02
C SER C 11 8.71 9.19 -14.20
N ALA C 12 7.76 9.37 -13.29
CA ALA C 12 7.73 10.55 -12.44
C ALA C 12 9.05 10.80 -11.67
N PRO C 13 9.57 9.77 -10.97
CA PRO C 13 10.81 10.01 -10.22
C PRO C 13 11.99 10.38 -11.12
N CYS C 14 12.03 9.82 -12.32
CA CYS C 14 13.01 10.27 -13.32
C CYS C 14 12.79 11.74 -13.70
N ARG C 15 11.54 12.12 -13.98
CA ARG C 15 11.25 13.53 -14.31
C ARG C 15 11.66 14.50 -13.19
N ALA C 16 11.46 14.08 -11.94
CA ALA C 16 11.93 14.90 -10.83
C ALA C 16 13.42 15.15 -10.97
N VAL C 17 14.18 14.10 -11.29
CA VAL C 17 15.64 14.24 -11.43
C VAL C 17 15.97 15.13 -12.63
N LEU C 18 15.34 14.88 -13.77
CA LEU C 18 15.60 15.69 -14.96
C LEU C 18 15.31 17.18 -14.70
N LEU C 19 14.20 17.47 -14.01
CA LEU C 19 13.86 18.84 -13.63
C LEU C 19 14.96 19.46 -12.75
N THR C 20 15.49 18.68 -11.81
CA THR C 20 16.51 19.17 -10.88
C THR C 20 17.84 19.44 -11.61
N ALA C 21 18.19 18.58 -12.55
CA ALA C 21 19.37 18.79 -13.37
C ALA C 21 19.26 20.09 -14.20
N LYS C 22 18.09 20.33 -14.79
CA LYS C 22 17.88 21.56 -15.56
C LYS C 22 18.02 22.78 -14.67
N ALA C 23 17.39 22.74 -13.49
CA ALA C 23 17.41 23.88 -12.58
C ALA C 23 18.83 24.19 -12.12
N LEU C 24 19.68 23.17 -12.12
CA LEU C 24 21.05 23.31 -11.65
C LEU C 24 22.04 23.49 -12.81
N ASN C 25 21.54 23.44 -14.04
CA ASN C 25 22.39 23.52 -15.23
C ASN C 25 23.41 22.38 -15.27
N LEU C 26 23.00 21.21 -14.78
CA LEU C 26 23.84 20.02 -14.80
C LEU C 26 23.54 19.17 -16.01
N ASN C 27 24.59 18.69 -16.66
CA ASN C 27 24.45 17.84 -17.83
C ASN C 27 24.64 16.38 -17.48
N LEU C 28 23.53 15.68 -17.29
CA LEU C 28 23.55 14.25 -16.99
C LEU C 28 23.77 13.45 -18.28
N ASN C 29 24.59 12.42 -18.20
CA ASN C 29 24.77 11.48 -19.31
C ASN C 29 23.59 10.51 -19.26
N LEU C 30 22.61 10.70 -20.14
CA LEU C 30 21.36 9.94 -20.09
C LEU C 30 21.46 8.55 -20.72
N LYS C 31 20.98 7.57 -19.98
CA LYS C 31 20.96 6.18 -20.41
C LYS C 31 19.55 5.61 -20.33
N LEU C 32 18.92 5.51 -21.49
CA LEU C 32 17.54 5.07 -21.58
C LEU C 32 17.49 3.59 -21.25
N VAL C 33 16.71 3.21 -20.23
CA VAL C 33 16.60 1.79 -19.86
C VAL C 33 15.40 1.20 -20.57
N ASP C 34 15.58 0.04 -21.19
CA ASP C 34 14.46 -0.62 -21.85
C ASP C 34 13.70 -1.47 -20.84
N LEU C 35 12.85 -0.82 -20.07
CA LEU C 35 12.02 -1.51 -19.07
C LEU C 35 11.01 -2.44 -19.73
N HIS C 36 10.50 -2.00 -20.88
CA HIS C 36 9.48 -2.75 -21.62
C HIS C 36 9.95 -4.16 -21.97
N HIS C 37 11.26 -4.36 -22.04
CA HIS C 37 11.82 -5.67 -22.35
C HIS C 37 12.75 -6.18 -21.25
N GLY C 38 12.65 -5.59 -20.06
CA GLY C 38 13.35 -6.12 -18.92
C GLY C 38 14.86 -5.97 -18.90
N GLU C 39 15.39 -4.96 -19.60
CA GLU C 39 16.81 -4.64 -19.48
C GLU C 39 17.20 -4.53 -18.00
N GLN C 40 16.28 -4.04 -17.18
CA GLN C 40 16.59 -3.75 -15.78
C GLN C 40 16.78 -5.01 -14.94
N LEU C 41 16.51 -6.18 -15.52
CA LEU C 41 16.64 -7.44 -14.80
C LEU C 41 17.93 -8.20 -15.16
N LYS C 42 18.72 -7.63 -16.08
CA LYS C 42 20.00 -8.20 -16.46
C LYS C 42 21.00 -7.98 -15.35
N PRO C 43 21.97 -8.91 -15.21
CA PRO C 43 22.96 -8.89 -14.13
C PRO C 43 23.67 -7.55 -14.02
N GLU C 44 24.05 -6.98 -15.16
CA GLU C 44 24.79 -5.72 -15.12
C GLU C 44 23.97 -4.58 -14.52
N TYR C 45 22.66 -4.58 -14.77
CA TYR C 45 21.81 -3.53 -14.18
C TYR C 45 21.64 -3.78 -12.68
N LEU C 46 21.29 -5.01 -12.33
CA LEU C 46 21.15 -5.41 -10.94
C LEU C 46 22.40 -5.06 -10.11
N LYS C 47 23.56 -5.20 -10.75
CA LYS C 47 24.84 -4.84 -10.16
C LYS C 47 24.80 -3.39 -9.67
N LEU C 48 24.25 -2.50 -10.49
CA LEU C 48 24.12 -1.08 -10.14
C LEU C 48 22.97 -0.85 -9.17
N ASN C 49 21.87 -1.55 -9.40
CA ASN C 49 20.66 -1.36 -8.64
C ASN C 49 19.87 -2.66 -8.53
N PRO C 50 20.05 -3.36 -7.40
CA PRO C 50 19.38 -4.65 -7.18
C PRO C 50 17.87 -4.51 -7.03
N GLN C 51 17.40 -3.28 -6.81
CA GLN C 51 15.95 -3.04 -6.77
C GLN C 51 15.40 -2.92 -8.20
N HIS C 52 16.29 -2.88 -9.18
CA HIS C 52 15.94 -2.87 -10.61
C HIS C 52 14.86 -1.85 -11.00
N THR C 53 15.03 -0.64 -10.49
CA THR C 53 14.12 0.47 -10.78
C THR C 53 14.87 1.56 -11.54
N VAL C 54 14.14 2.55 -12.03
CA VAL C 54 14.73 3.82 -12.47
C VAL C 54 14.11 4.92 -11.63
N PRO C 55 14.83 6.05 -11.46
CA PRO C 55 16.13 6.33 -12.07
C PRO C 55 17.24 5.70 -11.26
N THR C 56 18.40 5.49 -11.87
CA THR C 56 19.62 5.19 -11.13
C THR C 56 20.72 6.15 -11.53
N LEU C 57 21.25 6.84 -10.53
CA LEU C 57 22.33 7.81 -10.71
C LEU C 57 23.63 7.08 -10.38
N VAL C 58 24.59 7.14 -11.30
CA VAL C 58 25.92 6.62 -11.06
C VAL C 58 26.92 7.76 -11.23
N ASP C 59 27.57 8.11 -10.12
CA ASP C 59 28.51 9.22 -10.08
C ASP C 59 29.77 8.75 -9.37
N ASP C 60 30.79 8.38 -10.14
CA ASP C 60 32.11 8.08 -9.58
C ASP C 60 32.04 7.27 -8.27
N GLY C 61 31.57 6.03 -8.35
CA GLY C 61 31.54 5.16 -7.18
C GLY C 61 30.18 5.09 -6.51
N LEU C 62 29.47 6.21 -6.53
CA LEU C 62 28.13 6.27 -5.98
C LEU C 62 27.09 5.78 -6.99
N SER C 63 26.26 4.85 -6.54
CA SER C 63 25.09 4.44 -7.28
C SER C 63 23.87 4.50 -6.34
N ILE C 64 22.95 5.41 -6.64
CA ILE C 64 21.73 5.54 -5.86
C ILE C 64 20.52 5.62 -6.77
N TRP C 65 19.39 5.12 -6.30
CA TRP C 65 18.20 5.05 -7.15
C TRP C 65 16.92 5.66 -6.57
N GLU C 66 16.99 6.19 -5.35
CA GLU C 66 15.86 6.97 -4.84
C GLU C 66 15.98 8.39 -5.41
N SER C 67 15.02 8.74 -6.27
CA SER C 67 14.96 10.06 -6.89
C SER C 67 15.13 11.17 -5.87
N ARG C 68 14.50 11.01 -4.72
CA ARG C 68 14.50 12.09 -3.74
C ARG C 68 15.83 12.23 -2.96
N ALA C 69 16.63 11.17 -2.95
CA ALA C 69 18.01 11.23 -2.47
C ALA C 69 18.92 11.81 -3.57
N ILE C 70 18.63 11.42 -4.81
CA ILE C 70 19.35 11.95 -5.96
C ILE C 70 19.26 13.46 -6.08
N ILE C 71 18.06 14.02 -5.94
CA ILE C 71 17.89 15.45 -6.25
C ILE C 71 18.54 16.35 -5.20
N THR C 72 18.55 15.90 -3.94
CA THR C 72 19.28 16.64 -2.90
C THR C 72 20.80 16.46 -3.04
N TYR C 73 21.23 15.26 -3.40
CA TYR C 73 22.64 15.01 -3.68
C TYR C 73 23.21 15.95 -4.74
N LEU C 74 22.46 16.15 -5.82
CA LEU C 74 22.95 17.00 -6.91
C LEU C 74 23.20 18.40 -6.38
N VAL C 75 22.31 18.89 -5.52
CA VAL C 75 22.51 20.19 -4.91
C VAL C 75 23.70 20.13 -3.96
N ASN C 76 23.65 19.21 -2.99
CA ASN C 76 24.72 19.12 -1.99
C ASN C 76 26.12 19.07 -2.58
N LYS C 77 26.28 18.37 -3.71
CA LYS C 77 27.59 18.20 -4.31
CA LYS C 77 27.60 18.22 -4.30
C LYS C 77 27.91 19.26 -5.37
N TYR C 78 26.93 19.58 -6.22
CA TYR C 78 27.18 20.42 -7.39
C TYR C 78 26.72 21.89 -7.30
N ALA C 79 25.89 22.22 -6.32
CA ALA C 79 25.44 23.61 -6.17
C ALA C 79 25.23 23.98 -4.71
N LYS C 80 26.19 23.64 -3.87
CA LYS C 80 26.05 23.91 -2.45
C LYS C 80 25.76 25.41 -2.24
N GLY C 81 24.74 25.70 -1.44
CA GLY C 81 24.34 27.08 -1.22
C GLY C 81 23.12 27.50 -2.05
N SER C 82 22.74 26.69 -3.03
CA SER C 82 21.60 26.99 -3.89
C SER C 82 20.27 27.12 -3.11
N SER C 83 19.43 28.07 -3.48
CA SER C 83 18.11 28.18 -2.87
C SER C 83 17.22 26.97 -3.24
N LEU C 84 17.67 26.16 -4.18
CA LEU C 84 16.94 24.94 -4.56
C LEU C 84 16.86 23.93 -3.40
N TYR C 85 17.83 23.99 -2.49
CA TYR C 85 17.83 23.12 -1.33
C TYR C 85 18.63 23.85 -0.26
N PRO C 86 17.99 24.84 0.39
CA PRO C 86 18.66 25.78 1.28
C PRO C 86 19.35 25.07 2.44
N GLU C 87 20.47 25.62 2.92
CA GLU C 87 21.28 24.95 3.94
C GLU C 87 20.79 25.18 5.36
N ASP C 88 20.03 26.25 5.57
CA ASP C 88 19.52 26.55 6.91
C ASP C 88 18.69 25.36 7.42
N PRO C 89 19.01 24.88 8.62
CA PRO C 89 18.32 23.67 9.09
C PRO C 89 16.79 23.75 9.00
N LYS C 90 16.16 24.81 9.49
CA LYS C 90 14.70 24.91 9.43
C LYS C 90 14.15 24.88 8.00
N ALA C 91 14.68 25.74 7.14
CA ALA C 91 14.21 25.78 5.76
C ALA C 91 14.43 24.42 5.09
N ARG C 92 15.57 23.80 5.35
CA ARG C 92 15.81 22.44 4.82
C ARG C 92 14.82 21.39 5.34
N ALA C 93 14.56 21.42 6.64
CA ALA C 93 13.55 20.51 7.22
C ALA C 93 12.21 20.55 6.48
N LEU C 94 11.79 21.74 6.09
CA LEU C 94 10.50 21.87 5.41
C LEU C 94 10.55 21.26 4.02
N VAL C 95 11.66 21.44 3.31
CA VAL C 95 11.84 20.79 2.02
C VAL C 95 11.83 19.27 2.21
N ASP C 96 12.62 18.79 3.17
CA ASP C 96 12.70 17.34 3.42
C ASP C 96 11.32 16.79 3.76
N GLN C 97 10.58 17.51 4.60
CA GLN C 97 9.26 17.07 5.03
C GLN C 97 8.34 16.94 3.80
N ARG C 98 8.39 17.93 2.92
CA ARG C 98 7.58 17.89 1.69
C ARG C 98 8.00 16.70 0.80
N LEU C 99 9.29 16.42 0.73
CA LEU C 99 9.74 15.25 -0.02
C LEU C 99 9.17 13.94 0.56
N TYR C 100 9.12 13.84 1.88
CA TYR C 100 8.60 12.61 2.47
C TYR C 100 7.09 12.48 2.28
N PHE C 101 6.41 13.62 2.34
CA PHE C 101 4.99 13.71 2.02
C PHE C 101 4.76 13.19 0.60
N ASP C 102 5.63 13.62 -0.31
CA ASP C 102 5.55 13.22 -1.72
C ASP C 102 5.58 11.71 -1.88
N ILE C 103 6.65 11.08 -1.41
CA ILE C 103 6.82 9.64 -1.63
C ILE C 103 5.84 8.84 -0.78
N GLY C 104 5.65 9.28 0.46
CA GLY C 104 4.92 8.50 1.43
C GLY C 104 3.42 8.68 1.44
N THR C 105 2.94 9.82 0.96
CA THR C 105 1.52 10.12 1.02
C THR C 105 0.96 10.38 -0.36
N LEU C 106 1.36 11.49 -0.96
CA LEU C 106 0.77 11.88 -2.23
C LEU C 106 0.99 10.86 -3.34
N TYR C 107 2.24 10.52 -3.64
CA TYR C 107 2.51 9.60 -4.76
C TYR C 107 2.14 8.15 -4.41
N GLN C 108 2.38 7.74 -3.16
CA GLN C 108 1.99 6.42 -2.72
CA GLN C 108 1.99 6.43 -2.68
C GLN C 108 0.51 6.18 -2.98
N ARG C 109 -0.32 7.12 -2.52
CA ARG C 109 -1.77 7.03 -2.71
C ARG C 109 -2.18 7.06 -4.17
N PHE C 110 -1.56 7.93 -4.95
CA PHE C 110 -1.87 7.97 -6.37
C PHE C 110 -1.57 6.64 -7.05
N SER C 111 -0.41 6.08 -6.76
CA SER C 111 -0.07 4.82 -7.40
C SER C 111 -1.01 3.70 -6.92
N ASP C 112 -1.29 3.63 -5.62
CA ASP C 112 -2.24 2.66 -5.09
C ASP C 112 -3.57 2.72 -5.84
N TYR C 113 -4.05 3.94 -6.08
CA TYR C 113 -5.29 4.16 -6.79
C TYR C 113 -5.18 3.78 -8.28
N PHE C 114 -4.14 4.28 -8.93
CA PHE C 114 -4.05 4.30 -10.39
C PHE C 114 -3.47 3.04 -11.04
N TYR C 115 -2.32 2.60 -10.55
CA TYR C 115 -1.58 1.55 -11.25
C TYR C 115 -2.30 0.20 -11.40
N PRO C 116 -3.11 -0.18 -10.40
CA PRO C 116 -3.89 -1.42 -10.52
C PRO C 116 -4.87 -1.39 -11.69
N GLN C 117 -5.43 -0.21 -11.96
CA GLN C 117 -6.30 -0.01 -13.12
C GLN C 117 -5.46 -0.10 -14.39
N VAL C 118 -4.32 0.57 -14.39
CA VAL C 118 -3.49 0.62 -15.61
C VAL C 118 -2.86 -0.72 -15.96
N PHE C 119 -2.34 -1.41 -14.95
CA PHE C 119 -1.50 -2.59 -15.15
C PHE C 119 -2.17 -3.91 -14.80
N ALA C 120 -3.38 -3.86 -14.25
CA ALA C 120 -4.08 -5.09 -13.87
C ALA C 120 -5.57 -4.97 -14.08
N GLY C 121 -5.97 -3.97 -14.86
CA GLY C 121 -7.35 -3.82 -15.30
C GLY C 121 -8.36 -3.70 -14.18
N ALA C 122 -7.88 -3.57 -12.95
CA ALA C 122 -8.78 -3.36 -11.81
C ALA C 122 -9.70 -2.18 -12.07
N PRO C 123 -10.85 -2.14 -11.38
CA PRO C 123 -11.76 -1.00 -11.48
C PRO C 123 -11.30 0.06 -10.51
N ALA C 124 -11.79 1.29 -10.70
CA ALA C 124 -11.43 2.39 -9.80
C ALA C 124 -12.03 2.16 -8.41
N ASP C 125 -11.17 2.25 -7.39
CA ASP C 125 -11.62 2.07 -6.02
C ASP C 125 -11.93 3.44 -5.43
N LYS C 126 -13.17 3.63 -4.99
CA LYS C 126 -13.63 4.91 -4.50
CA LYS C 126 -13.59 4.93 -4.53
C LYS C 126 -12.89 5.34 -3.24
N ALA C 127 -12.60 4.37 -2.38
CA ALA C 127 -11.92 4.64 -1.12
C ALA C 127 -10.48 5.09 -1.39
N LYS C 128 -9.83 4.45 -2.35
CA LYS C 128 -8.47 4.82 -2.71
C LYS C 128 -8.44 6.19 -3.36
N ASN C 129 -9.48 6.49 -4.15
CA ASN C 129 -9.64 7.81 -4.75
C ASN C 129 -9.65 8.85 -3.65
N GLU C 130 -10.42 8.58 -2.60
CA GLU C 130 -10.58 9.55 -1.52
C GLU C 130 -9.26 9.77 -0.78
N LYS C 131 -8.44 8.73 -0.67
CA LYS C 131 -7.13 8.86 -0.05
CA LYS C 131 -7.12 8.85 -0.04
C LYS C 131 -6.26 9.84 -0.84
N VAL C 132 -6.35 9.74 -2.17
CA VAL C 132 -5.68 10.71 -3.05
C VAL C 132 -6.28 12.11 -2.86
N GLN C 133 -7.59 12.19 -2.72
CA GLN C 133 -8.25 13.48 -2.49
C GLN C 133 -7.68 14.14 -1.24
N GLU C 134 -7.52 13.35 -0.17
CA GLU C 134 -7.01 13.84 1.09
C GLU C 134 -5.56 14.31 0.95
N ALA C 135 -4.77 13.56 0.19
CA ALA C 135 -3.39 13.99 -0.04
C ALA C 135 -3.38 15.35 -0.73
N LEU C 136 -4.27 15.51 -1.71
CA LEU C 136 -4.36 16.77 -2.43
C LEU C 136 -4.87 17.91 -1.53
N GLN C 137 -5.74 17.59 -0.57
CA GLN C 137 -6.25 18.62 0.34
C GLN C 137 -5.14 19.11 1.27
N LEU C 138 -4.27 18.19 1.68
CA LEU C 138 -3.09 18.55 2.46
C LEU C 138 -2.17 19.46 1.68
N LEU C 139 -1.87 19.05 0.44
CA LEU C 139 -1.02 19.84 -0.43
C LEU C 139 -1.61 21.24 -0.55
N ASP C 140 -2.92 21.31 -0.79
CA ASP C 140 -3.64 22.58 -0.91
C ASP C 140 -3.47 23.43 0.35
N LYS C 141 -3.48 22.78 1.51
CA LYS C 141 -3.27 23.48 2.77
C LYS C 141 -1.84 24.00 2.91
N PHE C 142 -0.87 23.16 2.54
CA PHE C 142 0.53 23.55 2.61
C PHE C 142 0.75 24.81 1.77
N LEU C 143 -0.06 24.94 0.72
CA LEU C 143 0.10 26.00 -0.27
C LEU C 143 -0.74 27.24 0.00
N GLU C 144 -1.51 27.22 1.08
CA GLU C 144 -2.27 28.40 1.50
C GLU C 144 -1.37 29.59 1.81
N GLY C 145 -1.56 30.67 1.06
CA GLY C 145 -0.72 31.84 1.25
C GLY C 145 0.73 31.60 0.93
N GLN C 146 0.99 30.60 0.08
CA GLN C 146 2.36 30.25 -0.30
C GLN C 146 2.50 30.09 -1.80
N LYS C 147 3.49 30.75 -2.38
CA LYS C 147 3.77 30.58 -3.80
C LYS C 147 4.34 29.19 -4.11
N TYR C 148 5.22 28.71 -3.23
CA TYR C 148 5.88 27.39 -3.37
C TYR C 148 5.58 26.50 -2.16
N VAL C 149 5.92 25.22 -2.31
CA VAL C 149 5.54 24.20 -1.34
C VAL C 149 6.41 24.22 -0.07
N ALA C 150 7.62 24.73 -0.19
CA ALA C 150 8.59 24.68 0.90
C ALA C 150 9.42 25.97 1.00
N GLY C 151 8.74 27.09 1.24
CA GLY C 151 9.43 28.36 1.44
C GLY C 151 9.17 29.32 0.29
N PRO C 152 9.84 30.47 0.30
CA PRO C 152 9.60 31.54 -0.67
C PRO C 152 10.21 31.25 -2.04
N ASN C 153 11.04 30.23 -2.15
CA ASN C 153 11.70 29.93 -3.42
C ASN C 153 11.35 28.54 -3.96
N LEU C 154 11.53 28.37 -5.27
CA LEU C 154 11.47 27.05 -5.89
C LEU C 154 12.49 26.15 -5.23
N THR C 155 12.08 24.94 -4.84
CA THR C 155 13.01 23.95 -4.30
C THR C 155 12.82 22.59 -4.95
N VAL C 156 13.73 21.67 -4.64
CA VAL C 156 13.59 20.28 -5.13
C VAL C 156 12.25 19.68 -4.72
N ALA C 157 11.68 20.18 -3.62
CA ALA C 157 10.36 19.70 -3.20
C ALA C 157 9.28 20.02 -4.25
N ASP C 158 9.34 21.22 -4.83
CA ASP C 158 8.39 21.57 -5.89
C ASP C 158 8.62 20.69 -7.12
N LEU C 159 9.88 20.41 -7.42
CA LEU C 159 10.22 19.66 -8.64
C LEU C 159 9.81 18.20 -8.47
N SER C 160 10.00 17.67 -7.27
CA SER C 160 9.56 16.30 -7.01
C SER C 160 8.04 16.24 -7.02
N LEU C 161 7.41 17.16 -6.30
CA LEU C 161 5.96 17.13 -6.21
C LEU C 161 5.28 17.40 -7.56
N ILE C 162 5.82 18.29 -8.38
CA ILE C 162 5.20 18.53 -9.69
C ILE C 162 5.33 17.32 -10.62
N ALA C 163 6.44 16.58 -10.52
CA ALA C 163 6.58 15.33 -11.28
C ALA C 163 5.45 14.36 -10.90
N SER C 164 5.19 14.26 -9.61
CA SER C 164 4.11 13.39 -9.12
C SER C 164 2.72 13.91 -9.50
N VAL C 165 2.42 15.15 -9.11
CA VAL C 165 1.10 15.73 -9.39
C VAL C 165 0.77 15.72 -10.88
N SER C 166 1.77 16.05 -11.71
CA SER C 166 1.56 16.12 -13.16
C SER C 166 1.14 14.77 -13.72
N SER C 167 1.60 13.70 -13.08
CA SER C 167 1.21 12.33 -13.45
C SER C 167 -0.32 12.13 -13.36
N LEU C 168 -0.96 12.88 -12.46
CA LEU C 168 -2.42 12.82 -12.30
C LEU C 168 -3.19 13.23 -13.56
N GLU C 169 -2.52 13.94 -14.47
CA GLU C 169 -3.14 14.36 -15.72
C GLU C 169 -3.56 13.15 -16.56
N ALA C 170 -2.94 12.00 -16.29
CA ALA C 170 -3.25 10.77 -17.02
C ALA C 170 -4.44 10.02 -16.41
N SER C 171 -4.94 10.52 -15.28
CA SER C 171 -6.02 9.87 -14.52
C SER C 171 -7.28 10.74 -14.52
N ASP C 172 -8.26 10.31 -13.74
CA ASP C 172 -9.50 11.07 -13.58
C ASP C 172 -9.50 11.90 -12.30
N ILE C 173 -8.31 12.09 -11.71
CA ILE C 173 -8.21 12.92 -10.52
C ILE C 173 -8.13 14.37 -10.97
N ASP C 174 -9.17 15.14 -10.64
CA ASP C 174 -9.23 16.55 -11.01
C ASP C 174 -8.49 17.40 -9.99
N PHE C 175 -7.16 17.31 -9.97
CA PHE C 175 -6.38 18.01 -8.95
C PHE C 175 -6.49 19.54 -9.01
N LYS C 176 -6.82 20.08 -10.18
CA LYS C 176 -6.87 21.53 -10.33
C LYS C 176 -8.10 22.15 -9.65
N LYS C 177 -9.01 21.29 -9.18
CA LYS C 177 -10.18 21.77 -8.44
C LYS C 177 -9.71 22.29 -7.11
N TYR C 178 -8.51 21.91 -6.70
CA TYR C 178 -7.94 22.50 -5.49
C TYR C 178 -7.19 23.79 -5.89
N ALA C 179 -7.71 24.93 -5.45
CA ALA C 179 -7.30 26.23 -6.01
C ALA C 179 -5.84 26.60 -5.77
N ASN C 180 -5.34 26.32 -4.58
CA ASN C 180 -3.95 26.59 -4.26
C ASN C 180 -3.05 25.65 -5.05
N VAL C 181 -3.45 24.39 -5.15
CA VAL C 181 -2.71 23.43 -5.96
C VAL C 181 -2.68 23.87 -7.42
N LYS C 182 -3.82 24.33 -7.93
CA LYS C 182 -3.87 24.80 -9.30
C LYS C 182 -2.89 25.95 -9.51
N ARG C 183 -2.88 26.90 -8.58
CA ARG C 183 -2.04 28.08 -8.73
C ARG C 183 -0.54 27.70 -8.68
N TRP C 184 -0.17 26.89 -7.69
CA TRP C 184 1.20 26.39 -7.57
C TRP C 184 1.64 25.64 -8.83
N TYR C 185 0.76 24.79 -9.33
CA TYR C 185 1.02 23.98 -10.52
C TYR C 185 1.38 24.87 -11.71
N GLU C 186 0.60 25.92 -11.92
CA GLU C 186 0.84 26.82 -13.02
C GLU C 186 2.10 27.65 -12.81
N THR C 187 2.38 28.02 -11.57
CA THR C 187 3.61 28.72 -11.24
C THR C 187 4.84 27.87 -11.59
N VAL C 188 4.87 26.63 -11.10
CA VAL C 188 6.03 25.78 -11.29
C VAL C 188 6.23 25.43 -12.77
N LYS C 189 5.13 25.17 -13.48
CA LYS C 189 5.19 24.91 -14.92
C LYS C 189 5.77 26.11 -15.68
N SER C 190 5.47 27.31 -15.20
CA SER C 190 5.91 28.50 -15.92
C SER C 190 7.29 28.97 -15.47
N THR C 191 7.77 28.49 -14.33
CA THR C 191 9.05 28.98 -13.82
C THR C 191 10.18 27.95 -13.69
N ALA C 192 9.84 26.67 -13.57
CA ALA C 192 10.91 25.67 -13.47
C ALA C 192 11.68 25.59 -14.78
N PRO C 193 12.99 25.85 -14.73
CA PRO C 193 13.80 25.78 -15.95
C PRO C 193 13.61 24.45 -16.70
N GLY C 194 13.45 24.51 -18.02
CA GLY C 194 13.35 23.32 -18.84
C GLY C 194 12.16 22.39 -18.58
N TYR C 195 11.09 22.91 -17.98
CA TYR C 195 9.94 22.07 -17.62
C TYR C 195 9.39 21.29 -18.83
N GLN C 196 9.30 21.96 -19.97
CA GLN C 196 8.83 21.32 -21.19
C GLN C 196 9.59 20.06 -21.57
N GLU C 197 10.92 20.19 -21.63
CA GLU C 197 11.82 19.09 -21.98
C GLU C 197 11.86 18.01 -20.90
N ALA C 198 12.03 18.46 -19.66
CA ALA C 198 12.31 17.55 -18.55
C ALA C 198 11.07 16.86 -18.01
N ASN C 199 9.92 17.53 -18.05
CA ASN C 199 8.69 16.93 -17.52
C ASN C 199 7.61 16.68 -18.57
N GLU C 200 7.26 17.72 -19.32
CA GLU C 200 6.10 17.67 -20.20
C GLU C 200 6.28 16.59 -21.26
N LYS C 201 7.47 16.53 -21.86
CA LYS C 201 7.72 15.56 -22.91
C LYS C 201 7.59 14.14 -22.37
N GLY C 202 8.09 13.92 -21.16
CA GLY C 202 8.00 12.62 -20.54
C GLY C 202 6.57 12.33 -20.13
N LEU C 203 5.84 13.37 -19.73
CA LEU C 203 4.44 13.20 -19.34
C LEU C 203 3.64 12.69 -20.54
N GLU C 204 4.00 13.15 -21.72
CA GLU C 204 3.29 12.73 -22.92
C GLU C 204 3.49 11.23 -23.17
N ALA C 205 4.73 10.76 -22.99
CA ALA C 205 5.03 9.33 -23.07
C ALA C 205 4.28 8.51 -22.02
N PHE C 206 4.15 9.06 -20.82
CA PHE C 206 3.39 8.41 -19.76
C PHE C 206 1.91 8.31 -20.14
N LYS C 207 1.34 9.40 -20.65
CA LYS C 207 -0.05 9.40 -21.11
C LYS C 207 -0.28 8.40 -22.25
N GLY C 208 0.67 8.34 -23.17
CA GLY C 208 0.62 7.37 -24.25
C GLY C 208 0.68 5.94 -23.74
N LEU C 209 1.49 5.72 -22.71
CA LEU C 209 1.57 4.40 -22.11
C LEU C 209 0.27 4.00 -21.42
N VAL C 210 -0.30 4.88 -20.60
CA VAL C 210 -1.55 4.51 -19.93
C VAL C 210 -2.67 4.32 -20.94
N ASN C 211 -2.76 5.22 -21.93
CA ASN C 211 -3.73 5.05 -23.00
C ASN C 211 -3.55 3.71 -23.72
N SER C 212 -2.33 3.40 -24.08
CA SER C 212 -2.00 2.13 -24.73
C SER C 212 -2.38 0.94 -23.84
N MET C 213 -2.17 1.11 -22.53
CA MET C 213 -2.46 0.06 -21.55
C MET C 213 -3.97 -0.08 -21.32
N LEU C 214 -4.66 1.04 -21.18
CA LEU C 214 -6.10 1.02 -20.92
C LEU C 214 -6.87 0.56 -22.15
N LYS C 215 -6.64 1.21 -23.29
CA LYS C 215 -7.26 0.77 -24.53
C LYS C 215 -6.82 -0.65 -24.87
N MET D 1 13.79 27.82 24.97
CA MET D 1 12.61 27.16 24.41
C MET D 1 12.80 25.65 24.29
N THR D 2 11.75 24.89 24.60
CA THR D 2 11.82 23.43 24.55
C THR D 2 11.70 22.95 23.12
N ILE D 3 12.11 21.70 22.89
CA ILE D 3 11.90 21.03 21.61
C ILE D 3 10.87 19.95 21.88
N ASP D 4 9.62 20.20 21.48
CA ASP D 4 8.50 19.32 21.85
C ASP D 4 8.35 18.20 20.86
N LEU D 5 8.03 17.02 21.38
CA LEU D 5 7.75 15.86 20.54
C LEU D 5 6.46 15.21 20.96
N TYR D 6 5.46 15.36 20.10
CA TYR D 6 4.20 14.65 20.23
C TYR D 6 4.43 13.27 19.65
N TYR D 7 4.09 12.25 20.43
CA TYR D 7 4.48 10.89 20.10
C TYR D 7 3.65 9.88 20.86
N VAL D 8 3.75 8.62 20.45
CA VAL D 8 3.40 7.49 21.31
C VAL D 8 4.58 6.53 21.24
N PRO D 9 4.83 5.77 22.31
CA PRO D 9 6.08 4.99 22.33
C PRO D 9 6.07 3.76 21.42
N GLY D 10 4.89 3.23 21.10
CA GLY D 10 4.77 2.11 20.19
C GLY D 10 5.06 2.41 18.71
N SER D 11 4.85 3.67 18.32
CA SER D 11 4.96 4.11 16.92
C SER D 11 6.40 4.03 16.41
N ALA D 12 6.61 3.25 15.35
CA ALA D 12 7.95 3.08 14.77
C ALA D 12 8.62 4.40 14.38
N PRO D 13 7.91 5.27 13.63
CA PRO D 13 8.53 6.56 13.31
C PRO D 13 8.86 7.37 14.56
N CYS D 14 8.04 7.25 15.61
CA CYS D 14 8.36 7.93 16.86
C CYS D 14 9.63 7.37 17.46
N ARG D 15 9.73 6.04 17.47
CA ARG D 15 10.93 5.42 18.02
C ARG D 15 12.19 5.84 17.25
N ALA D 16 12.05 6.05 15.95
CA ALA D 16 13.18 6.57 15.17
C ALA D 16 13.65 7.92 15.72
N VAL D 17 12.71 8.79 16.08
CA VAL D 17 13.04 10.11 16.62
C VAL D 17 13.64 9.98 18.03
N LEU D 18 13.04 9.13 18.86
CA LEU D 18 13.57 8.86 20.19
C LEU D 18 15.00 8.29 20.12
N LEU D 19 15.24 7.38 19.18
CA LEU D 19 16.58 6.79 19.04
C LEU D 19 17.60 7.85 18.65
N THR D 20 17.20 8.74 17.75
CA THR D 20 18.09 9.77 17.27
C THR D 20 18.42 10.76 18.40
N ALA D 21 17.40 11.16 19.14
CA ALA D 21 17.63 12.03 20.29
C ALA D 21 18.64 11.43 21.26
N LYS D 22 18.49 10.14 21.55
CA LYS D 22 19.44 9.45 22.44
C LYS D 22 20.87 9.49 21.89
N ALA D 23 21.03 9.11 20.63
CA ALA D 23 22.33 9.13 19.98
C ALA D 23 22.93 10.53 20.00
N LEU D 24 22.09 11.56 20.02
CA LEU D 24 22.59 12.92 19.98
C LEU D 24 22.62 13.56 21.37
N ASN D 25 22.18 12.83 22.39
CA ASN D 25 22.08 13.39 23.74
C ASN D 25 21.23 14.66 23.75
N LEU D 26 20.15 14.66 22.97
CA LEU D 26 19.23 15.80 22.96
C LEU D 26 18.07 15.50 23.90
N ASN D 27 17.62 16.53 24.61
CA ASN D 27 16.57 16.36 25.60
C ASN D 27 15.23 16.88 25.06
N LEU D 28 14.45 16.00 24.46
CA LEU D 28 13.16 16.37 23.90
C LEU D 28 12.10 16.47 25.00
N ASN D 29 11.20 17.44 24.85
CA ASN D 29 10.07 17.55 25.75
C ASN D 29 8.98 16.62 25.21
N LEU D 30 8.89 15.42 25.79
CA LEU D 30 7.93 14.43 25.31
C LEU D 30 6.49 14.78 25.66
N LYS D 31 5.63 14.74 24.64
CA LYS D 31 4.21 14.94 24.83
C LYS D 31 3.42 13.75 24.30
N LEU D 32 2.95 12.91 25.22
CA LEU D 32 2.18 11.74 24.85
C LEU D 32 0.85 12.14 24.20
N VAL D 33 0.59 11.60 23.01
CA VAL D 33 -0.70 11.84 22.35
C VAL D 33 -1.63 10.66 22.66
N ASP D 34 -2.89 10.93 22.97
CA ASP D 34 -3.84 9.85 23.25
C ASP D 34 -4.58 9.44 21.97
N LEU D 35 -3.85 8.75 21.09
CA LEU D 35 -4.39 8.26 19.83
C LEU D 35 -5.49 7.24 20.10
N HIS D 36 -5.33 6.49 21.18
CA HIS D 36 -6.30 5.45 21.55
C HIS D 36 -7.69 6.03 21.65
N HIS D 37 -7.78 7.29 22.06
CA HIS D 37 -9.08 7.95 22.19
C HIS D 37 -9.26 9.15 21.25
N GLY D 38 -8.43 9.23 20.21
CA GLY D 38 -8.63 10.20 19.15
C GLY D 38 -8.24 11.65 19.39
N GLU D 39 -7.34 11.86 20.35
CA GLU D 39 -6.87 13.21 20.64
C GLU D 39 -6.28 13.88 19.39
N GLN D 40 -5.66 13.09 18.52
CA GLN D 40 -5.00 13.63 17.34
C GLN D 40 -5.98 14.21 16.32
N LEU D 41 -7.25 13.82 16.45
CA LEU D 41 -8.28 14.28 15.52
C LEU D 41 -8.98 15.54 16.00
N LYS D 42 -8.49 16.12 17.09
CA LYS D 42 -9.08 17.34 17.64
CA LYS D 42 -9.07 17.35 17.64
C LYS D 42 -8.46 18.61 17.04
N PRO D 43 -9.25 19.70 16.98
CA PRO D 43 -8.78 20.97 16.40
C PRO D 43 -7.37 21.38 16.84
N GLU D 44 -7.03 21.24 18.11
CA GLU D 44 -5.74 21.71 18.58
C GLU D 44 -4.58 20.91 17.99
N TYR D 45 -4.77 19.60 17.84
CA TYR D 45 -3.69 18.80 17.24
C TYR D 45 -3.61 19.05 15.75
N LEU D 46 -4.76 19.03 15.08
CA LEU D 46 -4.82 19.29 13.65
C LEU D 46 -4.11 20.59 13.29
N LYS D 47 -4.23 21.58 14.16
CA LYS D 47 -3.55 22.85 13.98
C LYS D 47 -2.02 22.68 13.93
N LEU D 48 -1.48 21.75 14.71
CA LEU D 48 -0.05 21.48 14.65
C LEU D 48 0.31 20.62 13.44
N ASN D 49 -0.62 19.75 13.08
CA ASN D 49 -0.38 18.72 12.09
C ASN D 49 -1.69 18.23 11.47
N PRO D 50 -2.11 18.84 10.34
CA PRO D 50 -3.35 18.50 9.64
C PRO D 50 -3.40 17.04 9.20
N GLN D 51 -2.24 16.41 9.08
CA GLN D 51 -2.19 14.98 8.79
C GLN D 51 -2.52 14.12 10.01
N HIS D 52 -2.57 14.77 11.18
CA HIS D 52 -2.96 14.13 12.42
C HIS D 52 -2.27 12.78 12.68
N THR D 53 -0.96 12.79 12.47
CA THR D 53 -0.11 11.64 12.79
C THR D 53 0.85 11.96 13.93
N VAL D 54 1.56 10.94 14.39
CA VAL D 54 2.74 11.09 15.22
C VAL D 54 3.95 10.47 14.50
N PRO D 55 5.14 11.01 14.72
CA PRO D 55 5.41 12.09 15.68
C PRO D 55 5.25 13.47 15.06
N THR D 56 5.02 14.47 15.89
CA THR D 56 5.11 15.86 15.46
C THR D 56 6.16 16.54 16.34
N LEU D 57 7.16 17.13 15.69
CA LEU D 57 8.19 17.88 16.38
C LEU D 57 7.82 19.36 16.28
N VAL D 58 7.81 20.07 17.41
CA VAL D 58 7.62 21.51 17.39
C VAL D 58 8.84 22.18 18.01
N ASP D 59 9.49 23.03 17.22
CA ASP D 59 10.72 23.71 17.63
C ASP D 59 10.62 25.18 17.23
N ASP D 60 10.13 26.00 18.16
CA ASP D 60 9.81 27.40 17.86
C ASP D 60 8.76 27.48 16.76
N GLY D 61 9.08 28.15 15.66
CA GLY D 61 8.12 28.34 14.59
C GLY D 61 8.07 27.15 13.65
N LEU D 62 8.81 26.09 13.98
CA LEU D 62 8.90 24.93 13.11
C LEU D 62 8.11 23.75 13.66
N SER D 63 7.21 23.24 12.83
CA SER D 63 6.41 22.08 13.14
C SER D 63 6.50 21.12 11.96
N ILE D 64 7.14 19.97 12.18
CA ILE D 64 7.21 18.97 11.13
C ILE D 64 6.85 17.59 11.68
N TRP D 65 6.27 16.73 10.85
CA TRP D 65 5.78 15.45 11.31
C TRP D 65 6.29 14.20 10.56
N GLU D 66 7.13 14.41 9.57
CA GLU D 66 7.74 13.26 8.93
C GLU D 66 8.97 12.88 9.72
N SER D 67 8.92 11.69 10.31
CA SER D 67 10.00 11.25 11.21
C SER D 67 11.35 11.40 10.55
N ARG D 68 11.41 11.11 9.25
CA ARG D 68 12.70 11.09 8.57
C ARG D 68 13.23 12.48 8.22
N ALA D 69 12.33 13.47 8.22
CA ALA D 69 12.77 14.86 8.11
C ALA D 69 13.19 15.38 9.50
N ILE D 70 12.54 14.87 10.54
CA ILE D 70 12.85 15.25 11.91
C ILE D 70 14.27 14.83 12.31
N ILE D 71 14.63 13.58 12.03
CA ILE D 71 15.90 13.06 12.56
C ILE D 71 17.09 13.72 11.85
N THR D 72 16.96 13.96 10.55
CA THR D 72 17.99 14.73 9.84
C THR D 72 18.06 16.17 10.35
N TYR D 73 16.89 16.76 10.62
CA TYR D 73 16.85 18.12 11.15
C TYR D 73 17.57 18.26 12.48
N LEU D 74 17.37 17.29 13.36
CA LEU D 74 18.02 17.31 14.66
C LEU D 74 19.55 17.38 14.52
N VAL D 75 20.09 16.54 13.64
CA VAL D 75 21.51 16.59 13.36
C VAL D 75 21.91 17.92 12.70
N ASN D 76 21.28 18.27 11.59
CA ASN D 76 21.58 19.53 10.91
C ASN D 76 21.60 20.74 11.85
N LYS D 77 20.65 20.78 12.78
CA LYS D 77 20.52 21.92 13.67
C LYS D 77 21.37 21.80 14.93
N TYR D 78 21.27 20.65 15.59
CA TYR D 78 21.83 20.47 16.93
C TYR D 78 23.14 19.71 17.00
N ALA D 79 23.58 19.13 15.88
CA ALA D 79 24.79 18.32 15.90
C ALA D 79 25.52 18.34 14.57
N LYS D 80 25.61 19.53 13.98
CA LYS D 80 26.25 19.68 12.67
C LYS D 80 27.65 19.08 12.69
N GLY D 81 27.90 18.19 11.73
CA GLY D 81 29.19 17.52 11.63
C GLY D 81 29.18 16.09 12.19
N SER D 82 28.14 15.75 12.95
CA SER D 82 28.03 14.38 13.48
C SER D 82 28.02 13.33 12.36
N SER D 83 28.70 12.22 12.60
CA SER D 83 28.70 11.10 11.65
C SER D 83 27.34 10.38 11.53
N LEU D 84 26.38 10.76 12.36
CA LEU D 84 25.06 10.16 12.33
C LEU D 84 24.28 10.67 11.10
N TYR D 85 24.75 11.79 10.54
CA TYR D 85 24.24 12.31 9.30
C TYR D 85 25.37 13.12 8.69
N PRO D 86 26.34 12.42 8.09
CA PRO D 86 27.60 13.00 7.61
C PRO D 86 27.39 14.06 6.52
N GLU D 87 28.22 15.09 6.56
CA GLU D 87 28.07 16.22 5.65
C GLU D 87 28.56 15.94 4.23
N ASP D 88 29.50 15.02 4.09
CA ASP D 88 30.01 14.66 2.76
C ASP D 88 28.84 14.30 1.84
N PRO D 89 28.75 14.96 0.66
CA PRO D 89 27.60 14.72 -0.21
C PRO D 89 27.36 13.24 -0.53
N LYS D 90 28.41 12.51 -0.92
CA LYS D 90 28.23 11.11 -1.28
C LYS D 90 27.79 10.27 -0.08
N ALA D 91 28.42 10.51 1.06
CA ALA D 91 28.07 9.79 2.27
C ALA D 91 26.63 10.10 2.67
N ARG D 92 26.25 11.37 2.58
CA ARG D 92 24.90 11.77 2.93
C ARG D 92 23.87 11.18 1.97
N ALA D 93 24.18 11.20 0.68
CA ALA D 93 23.31 10.59 -0.34
C ALA D 93 22.92 9.15 0.01
N LEU D 94 23.89 8.36 0.46
CA LEU D 94 23.60 6.97 0.81
C LEU D 94 22.68 6.86 2.03
N VAL D 95 22.86 7.74 3.01
CA VAL D 95 21.95 7.74 4.15
C VAL D 95 20.53 8.17 3.71
N ASP D 96 20.46 9.21 2.90
CA ASP D 96 19.17 9.65 2.39
C ASP D 96 18.50 8.51 1.61
N GLN D 97 19.27 7.86 0.74
CA GLN D 97 18.76 6.72 0.00
C GLN D 97 18.11 5.68 0.93
N ARG D 98 18.82 5.28 1.98
CA ARG D 98 18.29 4.30 2.90
C ARG D 98 17.01 4.78 3.60
N LEU D 99 16.92 6.06 3.89
CA LEU D 99 15.70 6.60 4.51
C LEU D 99 14.51 6.50 3.56
N TYR D 100 14.70 6.81 2.29
CA TYR D 100 13.59 6.69 1.33
C TYR D 100 13.25 5.23 1.08
N PHE D 101 14.27 4.38 1.10
CA PHE D 101 14.04 2.93 1.08
C PHE D 101 13.10 2.55 2.22
N ASP D 102 13.38 3.10 3.40
CA ASP D 102 12.61 2.76 4.59
C ASP D 102 11.13 3.14 4.39
N ILE D 103 10.88 4.42 4.15
CA ILE D 103 9.49 4.85 4.04
C ILE D 103 8.75 4.27 2.82
N GLY D 104 9.41 4.30 1.66
CA GLY D 104 8.72 3.96 0.40
C GLY D 104 8.68 2.48 0.04
N THR D 105 9.57 1.70 0.63
CA THR D 105 9.64 0.29 0.32
C THR D 105 9.37 -0.61 1.53
N LEU D 106 10.32 -0.63 2.46
CA LEU D 106 10.28 -1.57 3.58
CA LEU D 106 10.27 -1.59 3.57
C LEU D 106 9.10 -1.35 4.53
N TYR D 107 9.01 -0.15 5.10
CA TYR D 107 7.88 0.09 6.02
C TYR D 107 6.52 0.14 5.29
N GLN D 108 6.53 0.65 4.07
CA GLN D 108 5.29 0.75 3.32
CA GLN D 108 5.31 0.75 3.29
C GLN D 108 4.70 -0.65 3.12
N ARG D 109 5.54 -1.61 2.74
CA ARG D 109 5.08 -2.97 2.47
C ARG D 109 4.70 -3.74 3.73
N PHE D 110 5.45 -3.53 4.80
CA PHE D 110 5.09 -4.10 6.09
C PHE D 110 3.73 -3.61 6.52
N SER D 111 3.53 -2.29 6.48
CA SER D 111 2.25 -1.70 6.84
CA SER D 111 2.25 -1.70 6.83
C SER D 111 1.10 -2.29 6.02
N ASP D 112 1.25 -2.33 4.70
CA ASP D 112 0.22 -2.92 3.84
CA ASP D 112 0.21 -2.91 3.85
C ASP D 112 -0.08 -4.37 4.19
N TYR D 113 0.96 -5.12 4.54
CA TYR D 113 0.81 -6.54 4.90
C TYR D 113 0.13 -6.71 6.25
N PHE D 114 0.53 -5.90 7.21
CA PHE D 114 0.28 -6.21 8.61
C PHE D 114 -0.95 -5.50 9.17
N TYR D 115 -1.01 -4.19 9.02
CA TYR D 115 -2.08 -3.42 9.67
C TYR D 115 -3.53 -3.83 9.34
N PRO D 116 -3.79 -4.24 8.09
CA PRO D 116 -5.12 -4.78 7.80
C PRO D 116 -5.45 -6.02 8.64
N GLN D 117 -4.43 -6.74 9.07
CA GLN D 117 -4.65 -7.92 9.88
C GLN D 117 -5.00 -7.49 11.29
N VAL D 118 -4.25 -6.51 11.79
CA VAL D 118 -4.46 -6.05 13.15
C VAL D 118 -5.76 -5.26 13.24
N PHE D 119 -6.06 -4.46 12.21
CA PHE D 119 -7.15 -3.48 12.32
C PHE D 119 -8.36 -3.68 11.42
N ALA D 120 -8.31 -4.64 10.52
CA ALA D 120 -9.44 -4.88 9.64
C ALA D 120 -9.75 -6.37 9.58
N GLY D 121 -9.28 -7.11 10.60
CA GLY D 121 -9.50 -8.54 10.66
C GLY D 121 -9.16 -9.29 9.38
N ALA D 122 -8.33 -8.68 8.53
CA ALA D 122 -7.97 -9.31 7.27
C ALA D 122 -7.07 -10.53 7.47
N PRO D 123 -7.18 -11.53 6.59
CA PRO D 123 -6.24 -12.65 6.72
C PRO D 123 -4.89 -12.24 6.14
N ALA D 124 -3.84 -13.01 6.42
CA ALA D 124 -2.53 -12.71 5.86
C ALA D 124 -2.54 -12.95 4.34
N ASP D 125 -2.14 -11.94 3.58
CA ASP D 125 -2.09 -12.07 2.12
C ASP D 125 -0.71 -12.53 1.69
N LYS D 126 -0.65 -13.67 0.99
CA LYS D 126 0.64 -14.25 0.60
C LYS D 126 1.43 -13.31 -0.30
N ALA D 127 0.75 -12.67 -1.25
CA ALA D 127 1.40 -11.73 -2.14
C ALA D 127 2.00 -10.54 -1.40
N LYS D 128 1.25 -9.95 -0.47
CA LYS D 128 1.78 -8.85 0.35
C LYS D 128 2.94 -9.33 1.22
N ASN D 129 2.81 -10.54 1.76
CA ASN D 129 3.86 -11.12 2.55
C ASN D 129 5.15 -11.15 1.74
N GLU D 130 5.03 -11.66 0.51
CA GLU D 130 6.18 -11.77 -0.39
CA GLU D 130 6.18 -11.77 -0.36
C GLU D 130 6.83 -10.42 -0.67
N LYS D 131 6.00 -9.38 -0.77
CA LYS D 131 6.55 -8.04 -0.97
C LYS D 131 7.46 -7.64 0.20
N VAL D 132 7.08 -8.01 1.41
CA VAL D 132 7.91 -7.71 2.57
C VAL D 132 9.22 -8.51 2.48
N GLN D 133 9.14 -9.77 2.06
CA GLN D 133 10.34 -10.60 1.90
C GLN D 133 11.32 -9.94 0.91
N GLU D 134 10.79 -9.47 -0.21
CA GLU D 134 11.60 -8.80 -1.22
C GLU D 134 12.29 -7.57 -0.65
N ALA D 135 11.60 -6.82 0.20
CA ALA D 135 12.23 -5.67 0.85
C ALA D 135 13.35 -6.12 1.81
N LEU D 136 13.10 -7.19 2.56
CA LEU D 136 14.08 -7.72 3.49
C LEU D 136 15.29 -8.25 2.75
N GLN D 137 15.04 -8.94 1.64
CA GLN D 137 16.14 -9.44 0.81
C GLN D 137 16.99 -8.30 0.25
N LEU D 138 16.35 -7.18 -0.08
CA LEU D 138 17.08 -6.02 -0.55
C LEU D 138 17.96 -5.47 0.58
N LEU D 139 17.36 -5.33 1.76
CA LEU D 139 18.09 -4.90 2.96
C LEU D 139 19.30 -5.79 3.24
N ASP D 140 19.09 -7.11 3.13
CA ASP D 140 20.18 -8.07 3.32
C ASP D 140 21.31 -7.83 2.31
N LYS D 141 20.94 -7.49 1.08
CA LYS D 141 21.91 -7.11 0.04
C LYS D 141 22.66 -5.83 0.40
N PHE D 142 21.91 -4.80 0.83
CA PHE D 142 22.54 -3.55 1.22
C PHE D 142 23.59 -3.84 2.29
N LEU D 143 23.31 -4.84 3.14
CA LEU D 143 24.12 -5.13 4.30
C LEU D 143 25.22 -6.16 4.03
N GLU D 144 25.33 -6.62 2.79
CA GLU D 144 26.38 -7.58 2.45
C GLU D 144 27.76 -6.92 2.63
N GLY D 145 28.56 -7.47 3.54
CA GLY D 145 29.87 -6.91 3.85
C GLY D 145 29.82 -5.50 4.45
N GLN D 146 28.75 -5.19 5.16
CA GLN D 146 28.56 -3.84 5.68
C GLN D 146 27.99 -3.95 7.08
N LYS D 147 28.64 -3.28 8.04
CA LYS D 147 28.16 -3.28 9.41
C LYS D 147 26.86 -2.51 9.55
N TYR D 148 26.76 -1.39 8.83
CA TYR D 148 25.57 -0.56 8.91
C TYR D 148 24.97 -0.39 7.51
N VAL D 149 23.77 0.19 7.43
CA VAL D 149 23.03 0.24 6.16
CA VAL D 149 23.04 0.24 6.16
C VAL D 149 23.57 1.32 5.23
N ALA D 150 24.27 2.29 5.78
CA ALA D 150 24.69 3.47 5.02
C ALA D 150 26.07 4.01 5.43
N GLY D 151 27.11 3.24 5.13
CA GLY D 151 28.46 3.67 5.48
C GLY D 151 28.94 2.96 6.73
N PRO D 152 30.20 3.22 7.13
CA PRO D 152 30.88 2.48 8.20
C PRO D 152 30.44 2.89 9.60
N ASN D 153 29.64 3.95 9.70
CA ASN D 153 29.17 4.46 10.99
C ASN D 153 27.67 4.30 11.14
N LEU D 154 27.22 4.17 12.39
CA LEU D 154 25.80 4.21 12.69
C LEU D 154 25.24 5.54 12.19
N THR D 155 24.12 5.52 11.49
CA THR D 155 23.50 6.76 11.06
C THR D 155 22.01 6.76 11.33
N VAL D 156 21.38 7.91 11.15
CA VAL D 156 19.92 8.03 11.31
C VAL D 156 19.17 7.03 10.44
N ALA D 157 19.81 6.59 9.34
CA ALA D 157 19.21 5.57 8.48
C ALA D 157 19.09 4.23 9.24
N ASP D 158 20.13 3.86 9.97
CA ASP D 158 20.04 2.66 10.82
C ASP D 158 18.95 2.79 11.86
N LEU D 159 18.80 3.99 12.41
CA LEU D 159 17.87 4.23 13.51
C LEU D 159 16.43 4.18 13.01
N SER D 160 16.21 4.74 11.83
CA SER D 160 14.88 4.75 11.25
C SER D 160 14.53 3.31 10.87
N LEU D 161 15.49 2.60 10.26
CA LEU D 161 15.26 1.24 9.76
C LEU D 161 15.11 0.20 10.87
N ILE D 162 15.85 0.36 11.97
CA ILE D 162 15.70 -0.56 13.08
C ILE D 162 14.34 -0.34 13.78
N ALA D 163 13.86 0.90 13.81
CA ALA D 163 12.53 1.14 14.34
C ALA D 163 11.49 0.40 13.47
N SER D 164 11.65 0.49 12.16
CA SER D 164 10.74 -0.21 11.24
C SER D 164 10.90 -1.74 11.37
N VAL D 165 12.13 -2.23 11.26
CA VAL D 165 12.37 -3.67 11.22
C VAL D 165 11.98 -4.38 12.50
N SER D 166 12.29 -3.78 13.65
CA SER D 166 11.94 -4.39 14.93
C SER D 166 10.44 -4.54 15.12
N SER D 167 9.65 -3.70 14.46
CA SER D 167 8.20 -3.79 14.51
C SER D 167 7.69 -5.12 13.93
N LEU D 168 8.46 -5.71 13.01
CA LEU D 168 8.16 -7.03 12.46
C LEU D 168 8.12 -8.11 13.54
N GLU D 169 8.73 -7.87 14.69
CA GLU D 169 8.71 -8.85 15.78
C GLU D 169 7.30 -9.11 16.27
N ALA D 170 6.38 -8.20 15.99
CA ALA D 170 4.99 -8.35 16.39
C ALA D 170 4.21 -9.13 15.34
N SER D 171 4.87 -9.44 14.22
CA SER D 171 4.19 -10.09 13.10
C SER D 171 4.72 -11.50 12.94
N ASP D 172 4.25 -12.18 11.90
CA ASP D 172 4.75 -13.50 11.57
C ASP D 172 5.82 -13.44 10.49
N ILE D 173 6.38 -12.25 10.25
CA ILE D 173 7.49 -12.12 9.29
C ILE D 173 8.81 -12.46 9.99
N ASP D 174 9.44 -13.54 9.57
CA ASP D 174 10.68 -13.97 10.21
C ASP D 174 11.90 -13.29 9.56
N PHE D 175 12.19 -12.06 9.97
CA PHE D 175 13.25 -11.31 9.31
C PHE D 175 14.64 -11.80 9.69
N LYS D 176 14.76 -12.50 10.81
CA LYS D 176 16.07 -12.97 11.23
C LYS D 176 16.58 -14.14 10.40
N LYS D 177 15.77 -14.68 9.50
CA LYS D 177 16.25 -15.70 8.55
C LYS D 177 17.18 -15.10 7.50
N TYR D 178 17.19 -13.79 7.39
CA TYR D 178 18.13 -13.12 6.51
C TYR D 178 19.39 -12.82 7.32
N ALA D 179 20.49 -13.48 6.98
CA ALA D 179 21.66 -13.53 7.86
C ALA D 179 22.26 -12.15 8.10
N ASN D 180 22.33 -11.32 7.07
CA ASN D 180 22.88 -9.97 7.25
C ASN D 180 21.92 -9.09 8.02
N VAL D 181 20.63 -9.24 7.76
CA VAL D 181 19.61 -8.49 8.50
C VAL D 181 19.68 -8.86 9.99
N LYS D 182 19.78 -10.16 10.28
CA LYS D 182 19.92 -10.61 11.68
C LYS D 182 21.15 -10.01 12.39
N ARG D 183 22.32 -10.14 11.77
CA ARG D 183 23.55 -9.55 12.33
C ARG D 183 23.40 -8.05 12.60
N TRP D 184 23.01 -7.31 11.57
CA TRP D 184 22.84 -5.87 11.68
C TRP D 184 21.87 -5.53 12.81
N TYR D 185 20.77 -6.25 12.84
CA TYR D 185 19.76 -6.06 13.87
C TYR D 185 20.36 -6.13 15.27
N GLU D 186 21.13 -7.18 15.53
CA GLU D 186 21.72 -7.35 16.84
C GLU D 186 22.82 -6.31 17.10
N THR D 187 23.56 -5.97 16.06
CA THR D 187 24.57 -4.93 16.19
C THR D 187 23.96 -3.59 16.63
N VAL D 188 22.95 -3.13 15.90
CA VAL D 188 22.30 -1.86 16.22
C VAL D 188 21.64 -1.91 17.60
N LYS D 189 20.91 -2.98 17.86
CA LYS D 189 20.29 -3.22 19.16
C LYS D 189 21.26 -3.02 20.32
N SER D 190 22.52 -3.38 20.11
CA SER D 190 23.51 -3.34 21.18
C SER D 190 24.48 -2.16 21.11
N THR D 191 24.42 -1.37 20.05
CA THR D 191 25.31 -0.22 19.93
C THR D 191 24.60 1.15 19.91
N ALA D 192 23.36 1.20 19.41
CA ALA D 192 22.64 2.47 19.44
C ALA D 192 22.40 2.88 20.89
N PRO D 193 22.75 4.12 21.21
CA PRO D 193 22.59 4.61 22.59
C PRO D 193 21.11 4.63 23.00
N GLY D 194 20.82 4.16 24.20
CA GLY D 194 19.48 4.21 24.76
C GLY D 194 18.48 3.34 24.01
N TYR D 195 18.97 2.34 23.29
CA TYR D 195 18.07 1.47 22.53
C TYR D 195 16.94 0.87 23.37
N GLN D 196 17.28 0.34 24.54
CA GLN D 196 16.28 -0.25 25.43
C GLN D 196 15.17 0.74 25.74
N GLU D 197 15.55 1.94 26.16
CA GLU D 197 14.56 2.91 26.57
C GLU D 197 13.83 3.48 25.36
N ALA D 198 14.57 3.78 24.29
CA ALA D 198 14.03 4.57 23.18
C ALA D 198 13.25 3.71 22.19
N ASN D 199 13.69 2.46 22.04
CA ASN D 199 13.03 1.55 21.12
C ASN D 199 12.38 0.33 21.76
N GLU D 200 13.14 -0.45 22.53
CA GLU D 200 12.62 -1.71 23.06
C GLU D 200 11.36 -1.53 23.91
N LYS D 201 11.38 -0.54 24.79
CA LYS D 201 10.25 -0.21 25.65
C LYS D 201 8.98 -0.03 24.83
N GLY D 202 9.04 0.87 23.85
CA GLY D 202 7.91 1.14 23.01
C GLY D 202 7.53 -0.06 22.16
N LEU D 203 8.52 -0.85 21.77
CA LEU D 203 8.27 -2.04 20.96
C LEU D 203 7.40 -3.02 21.75
N GLU D 204 7.63 -3.08 23.06
CA GLU D 204 6.86 -3.95 23.93
C GLU D 204 5.41 -3.45 23.99
N ALA D 205 5.27 -2.14 24.04
CA ALA D 205 3.94 -1.53 24.04
C ALA D 205 3.21 -1.90 22.75
N PHE D 206 3.96 -1.90 21.65
CA PHE D 206 3.42 -2.21 20.33
C PHE D 206 2.96 -3.67 20.24
N LYS D 207 3.83 -4.57 20.68
CA LYS D 207 3.48 -6.00 20.72
C LYS D 207 2.24 -6.24 21.57
N GLY D 208 2.18 -5.62 22.75
CA GLY D 208 1.02 -5.73 23.61
C GLY D 208 -0.25 -5.24 22.93
N LEU D 209 -0.13 -4.21 22.10
CA LEU D 209 -1.28 -3.67 21.38
C LEU D 209 -1.75 -4.67 20.31
N VAL D 210 -0.80 -5.17 19.53
CA VAL D 210 -1.09 -6.22 18.55
C VAL D 210 -1.72 -7.44 19.20
N ASN D 211 -1.08 -7.97 20.25
CA ASN D 211 -1.63 -9.11 20.98
C ASN D 211 -3.01 -8.84 21.56
N SER D 212 -3.22 -7.64 22.08
CA SER D 212 -4.51 -7.26 22.64
C SER D 212 -5.55 -7.34 21.52
N MET D 213 -5.21 -6.75 20.38
CA MET D 213 -6.10 -6.65 19.25
C MET D 213 -6.35 -8.03 18.63
N LEU D 214 -5.35 -8.92 18.72
CA LEU D 214 -5.51 -10.27 18.20
C LEU D 214 -6.38 -11.20 19.06
N LYS D 215 -6.81 -10.73 20.23
CA LYS D 215 -7.65 -11.56 21.10
C LYS D 215 -8.48 -10.74 22.08
#